data_6EHT
#
_entry.id   6EHT
#
_cell.length_a   75.993
_cell.length_b   42.300
_cell.length_c   141.827
_cell.angle_alpha   90.00
_cell.angle_beta   102.70
_cell.angle_gamma   90.00
#
_symmetry.space_group_name_H-M   'P 1 21 1'
#
loop_
_entity.id
_entity.type
_entity.pdbx_description
1 polymer 'Proliferating cell nuclear antigen'
2 polymer 'Proliferating cell nuclear antigen'
3 polymer 'PCNA-associated factor'
4 polymer "DNA (5'-D(P*AP*TP*AP*CP*GP*AP*TP*GP*GP*G)-3')"
5 polymer "DNA (5'-D(P*CP*CP*CP*AP*TP*CP*GP*TP*AP*T)-3')"
6 water water
#
loop_
_entity_poly.entity_id
_entity_poly.type
_entity_poly.pdbx_seq_one_letter_code
_entity_poly.pdbx_strand_id
1 'polypeptide(L)'
;MFEARLVQGSILKKVLEALKDLINEACWDISSSGVNLQSMDSSHVSLVQLTLRSEGFDTYRCDRNLAMGVNLTSMSKILK
CAGNEDIITLRAEDNADTLALVFEAPNQEKVSDYEMKLMDLDVEQLGIPEQEYSCVVKMPSGEFARICRDLSHIGDAVVI
SCAKDGVKFSASGELGNGNIKLSQTSNVDKEEEAVTIEMNEPVQLTFALRYLNFFTKATPLSSTVTLSMSADVPLVVEYK
IADMGHLKYYLAPK
;
A,B
2 'polypeptide(L)'
;HMFEARLVQGSILKKVLEALKDLINEACWDISSSGVNLQSMDSSHVSLVQLTLRSEGFDTYRCDRNLAMGVNLTSMSKIL
KCAGNEDIITLRAEDNADTLALVFEAPNQEKVSDYEMKLMDLDVEQLGIPEQEYSCVVKMPSGEFARICRDLSHIGDAVV
ISCAKDGVKFSASGELGNGNIKLSQTSNVDKEEEAVTIEMNEPVQLTFALRYLNFFTKATPLSSTVTLSMSADVPLVVEY
KIADMGHLKYYLAPKI
;
C
3 'polypeptide(L)' PVCVRPTPKWQKGIGEFFRL D,E
4 'polydeoxyribonucleotide' (DA)(DT)(DA)(DC)(DG)(DA)(DT)(DG)(DG)(DG) F
5 'polydeoxyribonucleotide' (DC)(DC)(DC)(DA)(DT)(DC)(DG)(DT)(DA)(DT) G
#
loop_
_chem_comp.id
_chem_comp.type
_chem_comp.name
_chem_comp.formula
DA DNA linking 2'-DEOXYADENOSINE-5'-MONOPHOSPHATE 'C10 H14 N5 O6 P'
DC DNA linking 2'-DEOXYCYTIDINE-5'-MONOPHOSPHATE 'C9 H14 N3 O7 P'
DG DNA linking 2'-DEOXYGUANOSINE-5'-MONOPHOSPHATE 'C10 H14 N5 O7 P'
DT DNA linking THYMIDINE-5'-MONOPHOSPHATE 'C10 H15 N2 O8 P'
#
# COMPACT_ATOMS: atom_id res chain seq x y z
N MET A 1 -1.98 -24.58 -36.71
CA MET A 1 -1.74 -23.12 -36.61
C MET A 1 -2.82 -22.50 -35.71
N PHE A 2 -2.48 -21.36 -35.10
CA PHE A 2 -3.43 -20.60 -34.31
C PHE A 2 -2.85 -19.22 -34.05
N GLU A 3 -3.60 -18.19 -34.47
CA GLU A 3 -3.28 -16.81 -34.16
C GLU A 3 -4.57 -16.09 -33.74
N ALA A 4 -4.45 -15.31 -32.66
CA ALA A 4 -5.60 -14.67 -32.01
C ALA A 4 -5.23 -13.29 -31.44
N ARG A 5 -5.69 -12.25 -32.14
CA ARG A 5 -5.33 -10.89 -31.86
C ARG A 5 -6.47 -10.27 -31.07
N LEU A 6 -6.13 -9.85 -29.85
CA LEU A 6 -7.02 -9.19 -28.89
C LEU A 6 -6.65 -7.71 -28.71
N VAL A 7 -7.47 -6.78 -29.24
CA VAL A 7 -7.22 -5.30 -29.07
C VAL A 7 -7.18 -4.97 -27.56
N GLN A 8 -8.25 -5.29 -26.81
CA GLN A 8 -8.32 -5.08 -25.32
C GLN A 8 -7.62 -6.24 -24.56
N GLY A 9 -6.28 -6.18 -24.53
CA GLY A 9 -5.44 -7.17 -23.91
C GLY A 9 -5.70 -7.33 -22.41
N SER A 10 -6.16 -6.27 -21.73
CA SER A 10 -6.40 -6.31 -20.26
C SER A 10 -7.37 -7.45 -19.86
N ILE A 11 -8.10 -7.97 -20.85
CA ILE A 11 -9.00 -9.08 -20.57
C ILE A 11 -8.19 -10.35 -20.31
N LEU A 12 -7.24 -10.70 -21.21
CA LEU A 12 -6.40 -11.94 -21.08
C LEU A 12 -5.69 -11.88 -19.72
N LYS A 13 -5.39 -10.66 -19.29
CA LYS A 13 -4.68 -10.43 -18.05
C LYS A 13 -5.62 -10.67 -16.86
N LYS A 14 -6.85 -10.16 -16.97
CA LYS A 14 -7.89 -10.31 -15.94
C LYS A 14 -8.28 -11.78 -15.78
N VAL A 15 -8.55 -12.44 -16.91
CA VAL A 15 -8.76 -13.84 -16.92
C VAL A 15 -7.71 -14.56 -16.05
N LEU A 16 -6.43 -14.31 -16.30
CA LEU A 16 -5.43 -15.17 -15.72
C LEU A 16 -5.20 -14.89 -14.23
N GLU A 17 -5.57 -13.70 -13.75
CA GLU A 17 -5.53 -13.44 -12.33
C GLU A 17 -6.63 -14.28 -11.66
N ALA A 18 -7.77 -14.34 -12.34
CA ALA A 18 -8.92 -15.01 -11.81
C ALA A 18 -8.63 -16.52 -11.62
N LEU A 19 -7.81 -17.09 -12.51
CA LEU A 19 -7.62 -18.52 -12.54
C LEU A 19 -6.46 -18.99 -11.66
N LYS A 20 -5.44 -18.15 -11.48
CA LYS A 20 -4.09 -18.71 -11.15
C LYS A 20 -4.04 -19.18 -9.70
N ASP A 21 -4.93 -18.66 -8.86
CA ASP A 21 -4.97 -19.04 -7.43
C ASP A 21 -5.75 -20.36 -7.24
N LEU A 22 -6.44 -20.81 -8.30
CA LEU A 22 -7.33 -21.94 -8.27
C LEU A 22 -6.69 -23.09 -9.05
N ILE A 23 -6.04 -22.78 -10.19
CA ILE A 23 -5.47 -23.83 -11.03
C ILE A 23 -3.97 -23.57 -11.29
N ASN A 24 -3.14 -24.62 -11.14
CA ASN A 24 -1.70 -24.57 -11.40
C ASN A 24 -1.49 -24.65 -12.92
N GLU A 25 -1.91 -25.78 -13.50
CA GLU A 25 -1.72 -26.08 -14.91
C GLU A 25 -3.06 -26.56 -15.48
N ALA A 26 -3.32 -26.23 -16.75
CA ALA A 26 -4.56 -26.61 -17.40
C ALA A 26 -4.42 -26.67 -18.93
N CYS A 27 -5.37 -27.36 -19.57
CA CYS A 27 -5.38 -27.63 -21.00
C CYS A 27 -6.29 -26.60 -21.71
N TRP A 28 -5.70 -25.73 -22.54
CA TRP A 28 -6.50 -24.82 -23.36
C TRP A 28 -6.95 -25.60 -24.60
N ASP A 29 -8.23 -25.47 -24.92
CA ASP A 29 -8.81 -26.14 -26.06
C ASP A 29 -9.13 -25.06 -27.11
N ILE A 30 -8.27 -25.01 -28.13
CA ILE A 30 -8.40 -24.08 -29.23
C ILE A 30 -9.14 -24.78 -30.40
N SER A 31 -9.98 -24.01 -31.07
CA SER A 31 -10.78 -24.48 -32.18
C SER A 31 -11.21 -23.26 -33.01
N SER A 32 -11.82 -23.54 -34.16
CA SER A 32 -12.47 -22.52 -34.95
C SER A 32 -13.43 -21.70 -34.07
N SER A 33 -14.16 -22.36 -33.18
CA SER A 33 -15.24 -21.71 -32.45
C SER A 33 -14.67 -20.70 -31.45
N GLY A 34 -13.47 -21.01 -30.95
CA GLY A 34 -12.75 -20.17 -29.99
C GLY A 34 -11.96 -20.96 -28.94
N VAL A 35 -11.66 -20.28 -27.84
CA VAL A 35 -10.84 -20.79 -26.78
C VAL A 35 -11.75 -21.26 -25.65
N ASN A 36 -11.56 -22.51 -25.23
CA ASN A 36 -12.29 -23.08 -24.12
C ASN A 36 -11.24 -23.58 -23.12
N LEU A 37 -11.56 -23.50 -21.82
CA LEU A 37 -10.71 -24.09 -20.79
C LEU A 37 -11.60 -24.68 -19.68
N GLN A 38 -11.21 -25.82 -19.14
CA GLN A 38 -11.95 -26.45 -18.06
C GLN A 38 -11.01 -27.27 -17.18
N SER A 39 -10.89 -26.87 -15.90
CA SER A 39 -10.06 -27.60 -14.93
C SER A 39 -10.78 -27.65 -13.58
N MET A 40 -10.39 -28.62 -12.76
CA MET A 40 -10.69 -28.62 -11.36
C MET A 40 -9.55 -27.90 -10.61
N ASP A 41 -9.82 -27.53 -9.37
CA ASP A 41 -8.88 -26.96 -8.41
C ASP A 41 -7.91 -28.06 -7.94
N SER A 42 -6.68 -27.69 -7.54
CA SER A 42 -5.73 -28.66 -6.94
C SER A 42 -6.47 -29.64 -6.01
N SER A 43 -7.43 -29.12 -5.23
CA SER A 43 -7.99 -29.82 -4.11
C SER A 43 -9.21 -30.67 -4.50
N HIS A 44 -9.62 -30.62 -5.77
CA HIS A 44 -10.77 -31.41 -6.24
C HIS A 44 -12.08 -30.99 -5.55
N VAL A 45 -12.24 -29.70 -5.26
CA VAL A 45 -13.41 -29.18 -4.57
C VAL A 45 -14.29 -28.47 -5.61
N SER A 46 -13.68 -27.57 -6.40
CA SER A 46 -14.35 -26.68 -7.36
C SER A 46 -13.86 -26.99 -8.80
N LEU A 47 -14.54 -26.39 -9.79
CA LEU A 47 -14.30 -26.53 -11.21
C LEU A 47 -14.45 -25.15 -11.87
N VAL A 48 -13.57 -24.82 -12.82
CA VAL A 48 -13.71 -23.56 -13.56
C VAL A 48 -13.81 -23.88 -15.06
N GLN A 49 -14.68 -23.14 -15.75
CA GLN A 49 -14.88 -23.29 -17.16
C GLN A 49 -14.84 -21.91 -17.81
N LEU A 50 -13.78 -21.64 -18.56
CA LEU A 50 -13.61 -20.39 -19.31
C LEU A 50 -14.03 -20.64 -20.76
N THR A 51 -14.77 -19.69 -21.33
CA THR A 51 -15.18 -19.72 -22.73
C THR A 51 -15.05 -18.33 -23.37
N LEU A 52 -14.05 -18.19 -24.25
CA LEU A 52 -13.76 -17.00 -25.08
C LEU A 52 -14.12 -17.27 -26.55
N ARG A 53 -15.21 -16.68 -27.06
CA ARG A 53 -15.72 -16.99 -28.41
C ARG A 53 -14.89 -16.25 -29.46
N SER A 54 -14.58 -16.92 -30.58
CA SER A 54 -13.69 -16.35 -31.62
C SER A 54 -14.20 -14.97 -32.09
N GLU A 55 -15.51 -14.78 -32.06
CA GLU A 55 -16.16 -13.55 -32.52
C GLU A 55 -15.61 -12.34 -31.76
N GLY A 56 -15.12 -12.58 -30.54
CA GLY A 56 -14.71 -11.53 -29.63
C GLY A 56 -13.31 -11.04 -29.89
N PHE A 57 -12.51 -11.82 -30.60
CA PHE A 57 -11.16 -11.40 -30.98
C PHE A 57 -11.25 -10.55 -32.24
N ASP A 58 -10.12 -9.96 -32.65
CA ASP A 58 -10.02 -9.16 -33.87
C ASP A 58 -9.59 -10.07 -35.02
N THR A 59 -8.40 -10.63 -34.88
CA THR A 59 -7.97 -11.68 -35.73
C THR A 59 -8.19 -12.98 -34.96
N TYR A 60 -8.89 -13.93 -35.59
CA TYR A 60 -8.93 -15.30 -35.07
C TYR A 60 -8.88 -16.29 -36.23
N ARG A 61 -7.82 -17.10 -36.21
CA ARG A 61 -7.60 -18.15 -37.18
C ARG A 61 -7.07 -19.37 -36.43
N CYS A 62 -7.64 -20.55 -36.73
CA CYS A 62 -7.32 -21.80 -36.08
C CYS A 62 -7.59 -22.95 -37.06
N ASP A 63 -6.51 -23.56 -37.55
CA ASP A 63 -6.60 -24.52 -38.64
C ASP A 63 -7.27 -25.78 -38.11
N ARG A 64 -6.49 -26.56 -37.36
CA ARG A 64 -7.01 -27.73 -36.69
C ARG A 64 -7.07 -27.45 -35.19
N ASN A 65 -7.65 -28.41 -34.46
CA ASN A 65 -7.99 -28.26 -33.07
C ASN A 65 -6.80 -28.70 -32.23
N LEU A 66 -6.13 -27.75 -31.57
CA LEU A 66 -4.96 -28.02 -30.69
C LEU A 66 -5.42 -27.99 -29.23
N ALA A 67 -4.72 -28.73 -28.38
CA ALA A 67 -4.96 -28.80 -26.94
C ALA A 67 -3.67 -28.45 -26.18
N MET A 68 -3.50 -27.16 -25.89
CA MET A 68 -2.26 -26.62 -25.37
C MET A 68 -2.21 -26.80 -23.84
N GLY A 69 -1.15 -27.45 -23.37
CA GLY A 69 -0.87 -27.58 -21.95
C GLY A 69 -0.09 -26.41 -21.43
N VAL A 70 -0.74 -25.49 -20.71
CA VAL A 70 -0.13 -24.26 -20.17
C VAL A 70 -0.02 -24.36 -18.65
N ASN A 71 1.07 -23.81 -18.10
CA ASN A 71 1.23 -23.61 -16.67
C ASN A 71 0.71 -22.20 -16.38
N LEU A 72 -0.41 -22.10 -15.65
CA LEU A 72 -1.13 -20.83 -15.54
C LEU A 72 -0.34 -19.82 -14.69
N THR A 73 0.38 -20.33 -13.69
CA THR A 73 1.26 -19.46 -12.89
C THR A 73 2.34 -18.90 -13.80
N SER A 74 2.92 -19.73 -14.66
CA SER A 74 3.87 -19.28 -15.64
C SER A 74 3.22 -18.22 -16.52
N MET A 75 2.09 -18.54 -17.13
CA MET A 75 1.50 -17.63 -18.15
C MET A 75 1.06 -16.31 -17.51
N SER A 76 0.86 -16.31 -16.19
CA SER A 76 0.39 -15.10 -15.50
C SER A 76 1.56 -14.13 -15.36
N LYS A 77 2.66 -14.63 -14.80
CA LYS A 77 3.91 -13.91 -14.63
C LYS A 77 4.33 -13.28 -15.96
N ILE A 78 4.12 -13.97 -17.08
CA ILE A 78 4.47 -13.44 -18.38
C ILE A 78 3.44 -12.36 -18.77
N LEU A 79 2.16 -12.57 -18.47
CA LEU A 79 1.12 -11.60 -18.82
C LEU A 79 1.18 -10.36 -17.93
N LYS A 80 1.75 -10.49 -16.73
CA LYS A 80 1.88 -9.34 -15.84
C LYS A 80 2.81 -8.30 -16.49
N CYS A 81 3.74 -8.77 -17.33
CA CYS A 81 4.59 -7.88 -18.09
C CYS A 81 3.76 -6.97 -19.01
N ALA A 82 2.68 -7.53 -19.60
CA ALA A 82 1.89 -6.79 -20.59
C ALA A 82 1.25 -5.56 -19.94
N GLY A 83 1.45 -4.39 -20.56
CA GLY A 83 0.69 -3.19 -20.23
C GLY A 83 -0.79 -3.44 -20.42
N ASN A 84 -1.61 -2.74 -19.63
CA ASN A 84 -3.04 -3.01 -19.61
C ASN A 84 -3.67 -2.42 -20.88
N GLU A 85 -3.02 -1.40 -21.47
CA GLU A 85 -3.57 -0.83 -22.70
C GLU A 85 -2.96 -1.50 -23.93
N ASP A 86 -2.22 -2.61 -23.76
CA ASP A 86 -1.38 -3.21 -24.81
C ASP A 86 -2.21 -4.19 -25.65
N ILE A 87 -1.89 -4.29 -26.96
CA ILE A 87 -2.61 -5.16 -27.93
C ILE A 87 -1.96 -6.55 -27.91
N ILE A 88 -2.61 -7.51 -27.25
CA ILE A 88 -2.04 -8.85 -27.02
C ILE A 88 -2.45 -9.78 -28.15
N THR A 89 -1.52 -10.65 -28.54
CA THR A 89 -1.70 -11.59 -29.62
C THR A 89 -1.09 -12.92 -29.20
N LEU A 90 -1.88 -14.00 -29.31
CA LEU A 90 -1.40 -15.36 -29.09
C LEU A 90 -1.11 -15.97 -30.46
N ARG A 91 0.06 -16.60 -30.58
CA ARG A 91 0.40 -17.38 -31.75
C ARG A 91 1.00 -18.71 -31.28
N ALA A 92 0.57 -19.84 -31.87
CA ALA A 92 1.15 -21.15 -31.59
C ALA A 92 1.04 -22.06 -32.82
N GLU A 93 2.09 -22.84 -33.04
CA GLU A 93 2.17 -23.73 -34.19
C GLU A 93 1.70 -25.14 -33.77
N ASP A 94 1.19 -25.88 -34.77
CA ASP A 94 0.90 -27.29 -34.64
C ASP A 94 2.11 -27.94 -33.97
N ASN A 95 2.09 -29.27 -33.86
CA ASN A 95 3.22 -30.00 -33.33
C ASN A 95 4.24 -28.98 -32.85
N ALA A 96 4.10 -28.53 -31.61
CA ALA A 96 5.06 -27.60 -31.03
C ALA A 96 4.77 -27.39 -29.54
N ASP A 97 5.85 -27.25 -28.77
CA ASP A 97 5.78 -27.13 -27.33
C ASP A 97 6.08 -25.69 -26.91
N THR A 98 5.28 -24.74 -27.40
CA THR A 98 5.53 -23.35 -27.10
C THR A 98 4.32 -22.49 -27.47
N LEU A 99 4.06 -21.44 -26.67
CA LEU A 99 3.01 -20.49 -27.02
C LEU A 99 3.59 -19.08 -26.94
N ALA A 100 3.40 -18.32 -28.03
CA ALA A 100 3.95 -17.00 -28.16
C ALA A 100 2.90 -15.97 -27.81
N LEU A 101 3.23 -15.10 -26.84
CA LEU A 101 2.43 -13.95 -26.51
C LEU A 101 3.21 -12.69 -26.91
N VAL A 102 2.66 -11.94 -27.86
CA VAL A 102 3.23 -10.71 -28.36
C VAL A 102 2.39 -9.56 -27.78
N PHE A 103 3.05 -8.55 -27.20
CA PHE A 103 2.36 -7.37 -26.66
C PHE A 103 2.89 -6.10 -27.35
N GLU A 104 2.03 -5.45 -28.15
CA GLU A 104 2.29 -4.12 -28.75
C GLU A 104 1.65 -3.02 -27.89
N ALA A 105 2.45 -2.05 -27.48
CA ALA A 105 1.91 -0.89 -26.78
C ALA A 105 1.07 -0.02 -27.70
N PRO A 106 0.37 1.00 -27.19
CA PRO A 106 -0.42 1.90 -28.04
C PRO A 106 0.44 2.86 -28.88
N ASN A 107 1.63 3.19 -28.37
CA ASN A 107 2.53 4.17 -28.99
C ASN A 107 3.03 3.64 -30.34
N GLN A 108 2.91 2.33 -30.53
CA GLN A 108 3.33 1.62 -31.75
C GLN A 108 4.84 1.42 -31.74
N GLU A 109 5.45 1.80 -30.60
CA GLU A 109 6.89 2.05 -30.45
C GLU A 109 7.58 0.84 -29.81
N LYS A 110 6.94 0.33 -28.75
CA LYS A 110 7.49 -0.78 -27.95
C LYS A 110 6.69 -2.05 -28.26
N VAL A 111 7.37 -3.19 -28.39
CA VAL A 111 6.71 -4.48 -28.65
C VAL A 111 7.44 -5.62 -27.93
N SER A 112 6.76 -6.25 -26.97
CA SER A 112 7.30 -7.41 -26.31
C SER A 112 6.86 -8.66 -27.07
N ASP A 113 7.68 -9.73 -27.01
CA ASP A 113 7.19 -11.05 -27.38
C ASP A 113 7.87 -12.11 -26.52
N TYR A 114 7.03 -12.92 -25.85
CA TYR A 114 7.48 -13.98 -24.93
C TYR A 114 7.07 -15.36 -25.45
N GLU A 115 7.98 -16.30 -25.24
CA GLU A 115 7.86 -17.66 -25.58
C GLU A 115 7.88 -18.44 -24.26
N MET A 116 6.81 -19.21 -24.02
CA MET A 116 6.64 -20.05 -22.85
C MET A 116 6.63 -21.52 -23.30
N LYS A 117 7.21 -22.40 -22.46
CA LYS A 117 7.23 -23.84 -22.73
C LYS A 117 5.88 -24.47 -22.32
N LEU A 118 5.23 -25.19 -23.25
CA LEU A 118 3.99 -25.93 -22.96
C LEU A 118 4.31 -27.26 -22.27
N MET A 119 3.28 -27.92 -21.73
CA MET A 119 3.41 -29.23 -21.13
C MET A 119 2.33 -30.13 -21.69
N ASP A 120 2.50 -31.45 -21.48
CA ASP A 120 1.55 -32.48 -21.94
C ASP A 120 0.54 -32.76 -20.81
N LEU A 121 -0.75 -32.53 -21.07
CA LEU A 121 -1.82 -32.78 -20.07
C LEU A 121 -2.89 -33.67 -20.68
N ASP A 122 -3.27 -34.77 -20.00
CA ASP A 122 -4.24 -35.78 -20.54
C ASP A 122 -5.70 -35.35 -20.28
N VAL A 123 -5.97 -34.75 -19.12
CA VAL A 123 -7.27 -34.18 -18.77
C VAL A 123 -8.37 -34.92 -19.55
N GLU A 124 -9.29 -35.55 -18.80
CA GLU A 124 -10.50 -36.20 -19.36
C GLU A 124 -11.69 -35.24 -19.25
N GLN A 125 -11.55 -34.07 -19.91
CA GLN A 125 -12.58 -33.04 -19.88
C GLN A 125 -13.83 -33.67 -19.29
N LEU A 126 -14.34 -33.07 -18.21
CA LEU A 126 -15.68 -33.31 -17.73
C LEU A 126 -16.62 -33.01 -18.90
N GLY A 127 -17.91 -33.15 -18.64
CA GLY A 127 -18.94 -32.66 -19.53
C GLY A 127 -20.02 -32.07 -18.67
N ILE A 128 -20.13 -30.74 -18.66
CA ILE A 128 -21.16 -30.12 -17.86
C ILE A 128 -22.44 -30.11 -18.68
N PRO A 129 -23.60 -30.35 -18.07
CA PRO A 129 -24.87 -30.22 -18.75
C PRO A 129 -25.57 -28.91 -18.39
N GLU A 130 -26.54 -28.51 -19.22
CA GLU A 130 -27.55 -27.55 -18.83
C GLU A 130 -28.33 -28.14 -17.66
N GLN A 131 -28.59 -27.32 -16.65
CA GLN A 131 -29.34 -27.72 -15.44
C GLN A 131 -30.37 -26.61 -15.13
N GLU A 132 -31.55 -26.98 -14.62
CA GLU A 132 -32.56 -25.99 -14.13
C GLU A 132 -32.27 -25.69 -12.66
N TYR A 133 -32.56 -24.46 -12.20
CA TYR A 133 -32.02 -24.02 -10.92
C TYR A 133 -33.12 -23.44 -10.02
N SER A 134 -33.25 -24.01 -8.82
CA SER A 134 -34.18 -23.54 -7.77
C SER A 134 -34.05 -22.00 -7.59
N CYS A 135 -32.82 -21.49 -7.45
CA CYS A 135 -32.65 -20.03 -7.34
C CYS A 135 -31.52 -19.54 -8.25
N VAL A 136 -31.65 -18.27 -8.67
CA VAL A 136 -30.66 -17.55 -9.46
C VAL A 136 -30.63 -16.07 -9.02
N VAL A 137 -29.66 -15.70 -8.18
CA VAL A 137 -29.48 -14.28 -7.77
C VAL A 137 -28.59 -13.63 -8.83
N LYS A 138 -28.94 -12.40 -9.22
CA LYS A 138 -28.10 -11.59 -10.11
C LYS A 138 -27.85 -10.31 -9.36
N MET A 139 -26.58 -10.04 -9.06
CA MET A 139 -26.28 -8.94 -8.22
C MET A 139 -24.97 -8.34 -8.64
N PRO A 140 -24.58 -7.18 -8.06
CA PRO A 140 -23.28 -6.58 -8.33
C PRO A 140 -22.15 -7.50 -7.83
N SER A 141 -21.17 -7.68 -8.72
CA SER A 141 -19.97 -8.42 -8.44
C SER A 141 -19.32 -7.90 -7.16
N GLY A 142 -19.28 -6.57 -7.01
CA GLY A 142 -18.68 -5.93 -5.85
C GLY A 142 -19.36 -6.34 -4.56
N GLU A 143 -20.69 -6.20 -4.54
CA GLU A 143 -21.56 -6.53 -3.38
C GLU A 143 -21.19 -7.95 -2.95
N PHE A 144 -21.21 -8.87 -3.91
CA PHE A 144 -20.97 -10.25 -3.60
C PHE A 144 -19.55 -10.42 -3.08
N ALA A 145 -18.64 -9.66 -3.66
CA ALA A 145 -17.22 -9.73 -3.27
C ALA A 145 -17.10 -9.38 -1.79
N ARG A 146 -17.76 -8.27 -1.42
CA ARG A 146 -17.70 -7.69 -0.05
C ARG A 146 -18.31 -8.68 0.96
N ILE A 147 -19.46 -9.26 0.60
CA ILE A 147 -20.11 -10.19 1.48
C ILE A 147 -19.16 -11.34 1.84
N CYS A 148 -18.58 -11.97 0.82
CA CYS A 148 -17.70 -13.10 1.05
C CYS A 148 -16.48 -12.70 1.89
N ARG A 149 -16.03 -11.45 1.78
CA ARG A 149 -14.81 -11.01 2.51
C ARG A 149 -15.20 -10.78 3.97
N ASP A 150 -16.24 -9.98 4.18
CA ASP A 150 -16.76 -9.68 5.49
C ASP A 150 -16.99 -10.98 6.30
N LEU A 151 -17.81 -11.90 5.74
CA LEU A 151 -18.17 -13.12 6.46
C LEU A 151 -16.96 -14.05 6.64
N SER A 152 -15.94 -13.92 5.76
CA SER A 152 -14.74 -14.70 5.90
C SER A 152 -14.10 -14.34 7.24
N HIS A 153 -14.42 -13.17 7.79
CA HIS A 153 -13.88 -12.77 9.08
C HIS A 153 -14.66 -13.38 10.25
N ILE A 154 -15.90 -13.86 10.01
CA ILE A 154 -16.68 -14.42 11.10
C ILE A 154 -16.35 -15.90 11.26
N GLY A 155 -16.09 -16.56 10.14
CA GLY A 155 -15.80 -17.97 10.12
C GLY A 155 -15.52 -18.44 8.71
N ASP A 156 -15.66 -19.75 8.48
CA ASP A 156 -15.06 -20.39 7.29
C ASP A 156 -16.13 -20.98 6.36
N ALA A 157 -17.41 -20.89 6.72
CA ALA A 157 -18.50 -21.39 5.88
C ALA A 157 -19.62 -20.36 5.83
N VAL A 158 -20.31 -20.24 4.69
CA VAL A 158 -21.40 -19.32 4.56
C VAL A 158 -22.66 -20.10 4.16
N VAL A 159 -23.80 -19.59 4.63
CA VAL A 159 -25.08 -20.22 4.47
C VAL A 159 -25.96 -19.29 3.65
N ILE A 160 -26.13 -19.67 2.38
CA ILE A 160 -26.92 -18.92 1.44
C ILE A 160 -28.35 -19.47 1.47
N SER A 161 -29.28 -18.62 1.92
CA SER A 161 -30.69 -18.92 1.96
C SER A 161 -31.42 -18.08 0.90
N CYS A 162 -31.90 -18.71 -0.16
CA CYS A 162 -32.73 -18.02 -1.16
C CYS A 162 -34.21 -18.11 -0.76
N ALA A 163 -34.92 -16.97 -0.89
CA ALA A 163 -36.37 -16.86 -0.64
C ALA A 163 -36.99 -15.96 -1.70
N LYS A 164 -38.31 -15.72 -1.60
CA LYS A 164 -39.01 -14.90 -2.59
C LYS A 164 -38.47 -13.47 -2.48
N ASP A 165 -38.41 -12.96 -1.24
CA ASP A 165 -38.18 -11.54 -0.94
C ASP A 165 -36.76 -11.15 -1.33
N GLY A 166 -35.82 -12.02 -0.96
CA GLY A 166 -34.40 -11.74 -1.12
C GLY A 166 -33.50 -12.91 -0.77
N VAL A 167 -32.19 -12.66 -0.82
CA VAL A 167 -31.20 -13.67 -0.44
C VAL A 167 -30.52 -13.24 0.86
N LYS A 168 -30.09 -14.25 1.63
CA LYS A 168 -29.41 -14.02 2.87
C LYS A 168 -28.18 -14.91 2.91
N PHE A 169 -27.12 -14.35 3.49
CA PHE A 169 -25.88 -15.02 3.70
C PHE A 169 -25.52 -14.96 5.19
N SER A 170 -25.19 -16.11 5.78
CA SER A 170 -24.89 -16.12 7.21
C SER A 170 -23.64 -16.96 7.48
N ALA A 171 -22.91 -16.57 8.52
CA ALA A 171 -21.73 -17.28 8.92
C ALA A 171 -21.51 -17.07 10.41
N SER A 172 -20.77 -17.99 11.05
CA SER A 172 -20.63 -17.93 12.53
C SER A 172 -19.25 -18.42 12.94
N GLY A 173 -18.91 -18.10 14.19
CA GLY A 173 -17.67 -18.58 14.78
C GLY A 173 -17.28 -17.87 16.07
N GLU A 174 -15.98 -17.96 16.35
CA GLU A 174 -15.30 -17.31 17.44
C GLU A 174 -16.02 -16.00 17.82
N LEU A 175 -16.04 -15.03 16.89
CA LEU A 175 -16.45 -13.63 17.17
C LEU A 175 -17.93 -13.59 17.58
N GLY A 176 -18.79 -14.28 16.81
CA GLY A 176 -20.24 -14.29 17.02
C GLY A 176 -21.00 -14.93 15.85
N ASN A 177 -21.96 -14.19 15.30
CA ASN A 177 -22.76 -14.62 14.15
C ASN A 177 -23.10 -13.41 13.31
N GLY A 178 -23.20 -13.55 11.99
CA GLY A 178 -23.43 -12.44 11.08
C GLY A 178 -24.39 -12.80 9.96
N ASN A 179 -25.34 -11.90 9.74
CA ASN A 179 -26.40 -12.09 8.74
C ASN A 179 -26.45 -10.84 7.86
N ILE A 180 -26.40 -11.07 6.54
CA ILE A 180 -26.38 -10.06 5.52
C ILE A 180 -27.52 -10.36 4.53
N LYS A 181 -28.51 -9.45 4.49
CA LYS A 181 -29.79 -9.64 3.79
C LYS A 181 -29.90 -8.71 2.57
N LEU A 182 -29.75 -9.28 1.37
CA LEU A 182 -29.91 -8.59 0.09
C LEU A 182 -31.37 -8.71 -0.40
N SER A 183 -32.19 -7.68 -0.18
CA SER A 183 -33.56 -7.59 -0.73
C SER A 183 -33.49 -7.35 -2.24
N GLN A 184 -34.57 -7.63 -2.96
CA GLN A 184 -34.60 -7.42 -4.41
C GLN A 184 -34.90 -5.95 -4.72
N THR A 185 -34.34 -5.47 -5.83
CA THR A 185 -34.39 -4.06 -6.23
C THR A 185 -35.75 -3.73 -6.86
N SER A 186 -36.37 -2.66 -6.35
CA SER A 186 -37.71 -2.22 -6.76
C SER A 186 -37.65 -1.37 -8.03
N ASN A 187 -36.73 -0.39 -8.05
CA ASN A 187 -36.48 0.46 -9.23
C ASN A 187 -35.35 -0.18 -10.07
N VAL A 188 -34.11 0.19 -9.76
CA VAL A 188 -32.98 -0.44 -10.35
C VAL A 188 -32.70 0.19 -11.73
N ASP A 189 -32.49 1.51 -11.77
CA ASP A 189 -31.99 2.17 -13.00
C ASP A 189 -30.49 1.83 -13.18
N LYS A 190 -30.21 0.90 -14.08
CA LYS A 190 -28.87 0.38 -14.24
C LYS A 190 -28.85 -1.09 -13.80
N GLU A 191 -27.90 -1.83 -14.38
CA GLU A 191 -27.64 -3.21 -14.03
C GLU A 191 -26.55 -3.20 -12.97
N GLU A 192 -25.57 -2.33 -13.21
CA GLU A 192 -24.42 -2.18 -12.35
C GLU A 192 -24.82 -2.37 -10.89
N GLU A 193 -26.03 -1.93 -10.49
CA GLU A 193 -26.37 -1.76 -9.07
C GLU A 193 -27.73 -2.36 -8.71
N ALA A 194 -28.08 -3.55 -9.22
CA ALA A 194 -29.45 -4.13 -9.02
C ALA A 194 -29.36 -5.54 -8.44
N VAL A 195 -30.39 -5.95 -7.68
CA VAL A 195 -30.51 -7.33 -7.22
C VAL A 195 -31.82 -7.94 -7.74
N THR A 196 -31.69 -9.04 -8.49
CA THR A 196 -32.78 -9.72 -9.22
C THR A 196 -32.83 -11.18 -8.76
N ILE A 197 -34.04 -11.73 -8.57
CA ILE A 197 -34.14 -13.11 -8.14
C ILE A 197 -35.13 -13.86 -9.04
N GLU A 198 -34.72 -15.08 -9.40
CA GLU A 198 -35.51 -16.00 -10.13
C GLU A 198 -35.69 -17.22 -9.22
N MET A 199 -36.64 -17.09 -8.28
CA MET A 199 -36.96 -18.10 -7.27
C MET A 199 -38.05 -19.03 -7.82
N ASN A 200 -37.71 -20.31 -7.98
CA ASN A 200 -38.65 -21.38 -8.04
C ASN A 200 -38.76 -21.90 -6.61
N GLU A 201 -38.02 -22.97 -6.28
CA GLU A 201 -38.10 -23.57 -4.94
C GLU A 201 -37.19 -22.81 -3.97
N PRO A 202 -37.54 -22.66 -2.67
CA PRO A 202 -36.61 -22.09 -1.71
C PRO A 202 -35.43 -23.05 -1.52
N VAL A 203 -34.25 -22.51 -1.17
CA VAL A 203 -33.04 -23.30 -0.94
C VAL A 203 -32.22 -22.65 0.17
N GLN A 204 -31.56 -23.52 0.95
CA GLN A 204 -30.55 -23.16 1.93
C GLN A 204 -29.40 -24.15 1.78
N LEU A 205 -28.30 -23.66 1.19
CA LEU A 205 -27.06 -24.42 1.00
C LEU A 205 -25.93 -23.86 1.87
N THR A 206 -24.93 -24.70 2.18
CA THR A 206 -23.71 -24.29 2.89
C THR A 206 -22.46 -24.51 2.01
N PHE A 207 -21.58 -23.51 2.00
CA PHE A 207 -20.37 -23.47 1.17
C PHE A 207 -19.18 -22.93 1.99
N ALA A 208 -17.98 -23.38 1.60
CA ALA A 208 -16.72 -22.88 2.17
C ALA A 208 -16.39 -21.49 1.62
N LEU A 209 -16.04 -20.56 2.53
CA LEU A 209 -15.81 -19.22 2.09
C LEU A 209 -14.42 -19.13 1.42
N ARG A 210 -13.55 -20.12 1.67
CA ARG A 210 -12.23 -20.10 1.03
C ARG A 210 -12.40 -20.00 -0.49
N TYR A 211 -13.19 -20.91 -1.05
CA TYR A 211 -13.32 -21.04 -2.48
C TYR A 211 -14.12 -19.85 -3.04
N LEU A 212 -15.13 -19.38 -2.30
CA LEU A 212 -15.91 -18.29 -2.84
C LEU A 212 -15.00 -17.09 -3.06
N ASN A 213 -14.10 -16.93 -2.11
CA ASN A 213 -13.22 -15.81 -2.08
C ASN A 213 -12.20 -15.93 -3.22
N PHE A 214 -11.85 -17.15 -3.66
CA PHE A 214 -11.06 -17.33 -4.85
C PHE A 214 -11.85 -16.88 -6.06
N PHE A 215 -13.12 -17.29 -6.13
CA PHE A 215 -13.88 -17.07 -7.32
C PHE A 215 -14.05 -15.58 -7.60
N THR A 216 -13.97 -14.77 -6.54
CA THR A 216 -14.26 -13.34 -6.57
C THR A 216 -13.07 -12.56 -7.15
N LYS A 217 -11.92 -13.24 -7.29
CA LYS A 217 -10.74 -12.68 -7.94
C LYS A 217 -11.09 -12.37 -9.42
N ALA A 218 -12.21 -12.93 -9.90
CA ALA A 218 -12.69 -12.67 -11.26
C ALA A 218 -13.55 -11.39 -11.33
N THR A 219 -13.73 -10.69 -10.21
CA THR A 219 -14.71 -9.63 -10.17
C THR A 219 -14.40 -8.56 -11.20
N PRO A 220 -13.12 -8.21 -11.45
CA PRO A 220 -12.80 -7.23 -12.47
C PRO A 220 -13.41 -7.47 -13.87
N LEU A 221 -13.75 -8.73 -14.23
CA LEU A 221 -14.26 -9.02 -15.57
C LEU A 221 -15.68 -8.47 -15.77
N SER A 222 -16.45 -8.24 -14.70
CA SER A 222 -17.88 -7.92 -14.83
C SER A 222 -18.39 -7.11 -13.62
N SER A 223 -19.29 -6.17 -13.89
CA SER A 223 -19.94 -5.42 -12.87
C SER A 223 -21.08 -6.25 -12.25
N THR A 224 -21.40 -7.40 -12.85
CA THR A 224 -22.45 -8.28 -12.37
C THR A 224 -21.91 -9.71 -12.16
N VAL A 225 -22.42 -10.37 -11.12
CA VAL A 225 -22.27 -11.80 -10.96
C VAL A 225 -23.67 -12.42 -10.90
N THR A 226 -23.75 -13.72 -11.20
CA THR A 226 -24.92 -14.53 -11.10
C THR A 226 -24.59 -15.76 -10.27
N LEU A 227 -25.22 -15.91 -9.10
CA LEU A 227 -25.22 -17.17 -8.35
C LEU A 227 -26.45 -17.98 -8.76
N SER A 228 -26.31 -19.30 -8.89
CA SER A 228 -27.39 -20.22 -9.32
C SER A 228 -27.30 -21.57 -8.59
N MET A 229 -28.42 -21.98 -7.95
CA MET A 229 -28.43 -22.97 -6.84
C MET A 229 -29.65 -23.90 -6.91
N SER A 230 -29.46 -25.15 -6.47
CA SER A 230 -30.47 -26.21 -6.36
C SER A 230 -30.05 -27.22 -5.28
N ALA A 231 -31.02 -27.88 -4.69
CA ALA A 231 -30.90 -28.42 -3.35
C ALA A 231 -29.69 -29.36 -3.19
N ASP A 232 -29.34 -30.15 -4.21
CA ASP A 232 -28.33 -31.19 -4.01
C ASP A 232 -27.25 -31.07 -5.09
N VAL A 233 -26.85 -29.84 -5.41
CA VAL A 233 -26.21 -29.58 -6.70
C VAL A 233 -25.21 -28.43 -6.55
N PRO A 234 -24.00 -28.59 -7.12
CA PRO A 234 -23.03 -27.50 -7.22
C PRO A 234 -23.61 -26.15 -7.64
N LEU A 235 -23.33 -25.15 -6.80
CA LEU A 235 -23.50 -23.73 -7.06
C LEU A 235 -22.63 -23.34 -8.22
N VAL A 236 -23.12 -22.36 -8.97
CA VAL A 236 -22.43 -21.85 -10.12
C VAL A 236 -22.34 -20.34 -9.98
N VAL A 237 -21.12 -19.85 -9.81
CA VAL A 237 -20.92 -18.43 -9.85
C VAL A 237 -20.44 -18.08 -11.25
N GLU A 238 -21.05 -17.06 -11.87
CA GLU A 238 -20.77 -16.80 -13.29
C GLU A 238 -20.47 -15.31 -13.50
N TYR A 239 -19.26 -15.05 -14.04
CA TYR A 239 -18.85 -13.74 -14.50
C TYR A 239 -18.81 -13.71 -16.04
N LYS A 240 -19.63 -12.84 -16.64
CA LYS A 240 -19.71 -12.76 -18.12
C LYS A 240 -18.64 -11.78 -18.63
N ILE A 241 -17.93 -12.17 -19.69
CA ILE A 241 -16.85 -11.36 -20.22
C ILE A 241 -17.30 -10.67 -21.52
N ALA A 242 -17.67 -9.40 -21.38
CA ALA A 242 -17.83 -8.38 -22.44
C ALA A 242 -17.51 -8.90 -23.85
N ASP A 243 -18.59 -9.21 -24.56
CA ASP A 243 -18.56 -9.38 -25.98
C ASP A 243 -17.62 -10.52 -26.37
N MET A 244 -17.37 -11.47 -25.46
CA MET A 244 -16.26 -12.42 -25.62
C MET A 244 -16.64 -13.82 -25.16
N GLY A 245 -17.20 -13.92 -23.95
CA GLY A 245 -17.55 -15.20 -23.39
C GLY A 245 -18.00 -15.09 -21.95
N HIS A 246 -17.43 -15.95 -21.10
CA HIS A 246 -17.77 -16.01 -19.72
C HIS A 246 -16.71 -16.82 -18.95
N LEU A 247 -16.83 -16.76 -17.63
CA LEU A 247 -16.10 -17.56 -16.73
C LEU A 247 -17.07 -18.12 -15.69
N LYS A 248 -17.04 -19.44 -15.46
CA LYS A 248 -17.99 -20.05 -14.58
C LYS A 248 -17.24 -20.88 -13.56
N TYR A 249 -17.60 -20.67 -12.29
CA TYR A 249 -17.09 -21.50 -11.22
C TYR A 249 -18.19 -22.43 -10.70
N TYR A 250 -17.77 -23.62 -10.27
CA TYR A 250 -18.63 -24.61 -9.78
C TYR A 250 -18.13 -25.09 -8.42
N LEU A 251 -18.93 -24.95 -7.38
CA LEU A 251 -18.54 -25.40 -6.06
C LEU A 251 -19.65 -26.26 -5.45
N ALA A 252 -19.27 -27.42 -4.92
CA ALA A 252 -20.24 -28.38 -4.38
C ALA A 252 -20.49 -28.02 -2.93
N PRO A 253 -21.77 -28.02 -2.50
CA PRO A 253 -22.12 -27.50 -1.18
C PRO A 253 -21.66 -28.52 -0.13
N LYS A 254 -21.43 -27.99 1.08
CA LYS A 254 -20.90 -28.67 2.27
C LYS A 254 -22.09 -29.21 3.07
N PHE B 2 30.09 25.29 6.14
CA PHE B 2 29.33 24.89 4.92
C PHE B 2 27.82 25.05 5.16
N GLU B 3 27.13 25.74 4.23
CA GLU B 3 25.68 26.00 4.31
C GLU B 3 25.16 25.99 2.89
N ALA B 4 24.02 25.31 2.69
CA ALA B 4 23.44 25.07 1.36
C ALA B 4 21.91 24.96 1.44
N ARG B 5 21.24 26.00 0.93
CA ARG B 5 19.80 26.16 0.96
C ARG B 5 19.27 25.68 -0.38
N LEU B 6 18.45 24.61 -0.32
CA LEU B 6 17.77 23.97 -1.47
C LEU B 6 16.25 24.27 -1.44
N VAL B 7 15.77 25.09 -2.40
CA VAL B 7 14.33 25.43 -2.51
C VAL B 7 13.52 24.13 -2.68
N GLN B 8 13.84 23.36 -3.74
CA GLN B 8 13.20 22.06 -4.04
C GLN B 8 13.84 20.92 -3.22
N GLY B 9 13.45 20.83 -1.95
CA GLY B 9 13.98 19.87 -1.00
C GLY B 9 13.79 18.41 -1.42
N SER B 10 12.69 18.14 -2.13
CA SER B 10 12.32 16.79 -2.58
C SER B 10 13.45 16.12 -3.40
N ILE B 11 14.43 16.92 -3.87
CA ILE B 11 15.54 16.37 -4.60
C ILE B 11 16.43 15.57 -3.63
N LEU B 12 16.83 16.20 -2.53
CA LEU B 12 17.83 15.57 -1.58
C LEU B 12 17.17 14.28 -1.07
N LYS B 13 15.82 14.30 -1.00
CA LYS B 13 15.04 13.15 -0.56
C LYS B 13 15.11 12.04 -1.62
N LYS B 14 14.92 12.43 -2.89
CA LYS B 14 14.90 11.48 -4.02
C LYS B 14 16.28 10.85 -4.21
N VAL B 15 17.30 11.69 -4.19
CA VAL B 15 18.65 11.24 -4.23
C VAL B 15 18.86 10.11 -3.22
N LEU B 16 18.48 10.33 -1.96
CA LEU B 16 18.90 9.38 -0.95
C LEU B 16 18.12 8.08 -1.02
N GLU B 17 16.91 8.08 -1.62
CA GLU B 17 16.20 6.83 -1.86
C GLU B 17 16.96 6.04 -2.93
N ALA B 18 17.43 6.76 -3.95
CA ALA B 18 18.16 6.15 -5.05
C ALA B 18 19.39 5.40 -4.56
N LEU B 19 20.07 5.95 -3.55
CA LEU B 19 21.37 5.47 -3.19
C LEU B 19 21.30 4.41 -2.09
N LYS B 20 20.27 4.43 -1.24
CA LYS B 20 20.40 3.76 0.06
C LYS B 20 20.34 2.25 -0.08
N ASP B 21 19.78 1.74 -1.18
CA ASP B 21 19.68 0.31 -1.48
C ASP B 21 21.04 -0.25 -1.93
N LEU B 22 21.95 0.64 -2.33
CA LEU B 22 23.21 0.29 -2.95
C LEU B 22 24.34 0.61 -1.98
N ILE B 23 24.26 1.72 -1.25
CA ILE B 23 25.36 2.15 -0.37
C ILE B 23 24.87 2.34 1.07
N ASN B 24 25.62 1.74 2.01
CA ASN B 24 25.37 1.90 3.45
C ASN B 24 25.89 3.26 3.91
N GLU B 25 27.21 3.43 3.78
CA GLU B 25 27.89 4.64 4.22
C GLU B 25 28.76 5.19 3.07
N ALA B 26 28.85 6.51 2.96
CA ALA B 26 29.68 7.12 1.91
C ALA B 26 30.11 8.54 2.29
N CYS B 27 31.14 9.02 1.58
CA CYS B 27 31.84 10.26 1.87
C CYS B 27 31.29 11.37 0.96
N TRP B 28 30.63 12.38 1.53
CA TRP B 28 30.22 13.55 0.75
C TRP B 28 31.40 14.50 0.68
N ASP B 29 31.68 15.00 -0.53
CA ASP B 29 32.83 15.84 -0.80
C ASP B 29 32.29 17.22 -1.17
N ILE B 30 32.32 18.11 -0.17
CA ILE B 30 31.83 19.46 -0.29
C ILE B 30 33.01 20.38 -0.65
N SER B 31 32.71 21.37 -1.49
CA SER B 31 33.67 22.32 -1.98
C SER B 31 32.94 23.56 -2.47
N SER B 32 33.69 24.61 -2.80
CA SER B 32 33.10 25.78 -3.41
C SER B 32 32.30 25.37 -4.64
N SER B 33 32.83 24.43 -5.42
CA SER B 33 32.21 24.02 -6.69
C SER B 33 30.84 23.36 -6.48
N GLY B 34 30.68 22.64 -5.36
CA GLY B 34 29.42 21.95 -4.98
C GLY B 34 29.65 20.61 -4.26
N VAL B 35 28.59 19.79 -4.25
CA VAL B 35 28.56 18.53 -3.53
C VAL B 35 28.80 17.40 -4.51
N ASN B 36 29.78 16.55 -4.20
CA ASN B 36 30.14 15.40 -4.98
C ASN B 36 30.07 14.20 -4.04
N LEU B 37 29.74 13.00 -4.55
CA LEU B 37 29.83 11.74 -3.78
C LEU B 37 30.24 10.62 -4.73
N GLN B 38 31.09 9.69 -4.27
CA GLN B 38 31.48 8.56 -5.14
C GLN B 38 31.78 7.30 -4.32
N SER B 39 30.99 6.24 -4.49
CA SER B 39 31.10 5.02 -3.68
C SER B 39 30.86 3.80 -4.55
N MET B 40 31.44 2.69 -4.10
CA MET B 40 31.07 1.40 -4.57
C MET B 40 29.97 0.84 -3.66
N ASP B 41 29.28 -0.21 -4.14
CA ASP B 41 28.22 -0.92 -3.47
C ASP B 41 28.83 -1.86 -2.44
N SER B 42 27.99 -2.34 -1.50
CA SER B 42 28.35 -3.38 -0.55
C SER B 42 29.30 -4.39 -1.21
N SER B 43 28.99 -4.79 -2.44
CA SER B 43 29.56 -6.00 -3.02
C SER B 43 30.79 -5.68 -3.86
N HIS B 44 31.06 -4.39 -4.06
CA HIS B 44 32.19 -3.93 -4.93
C HIS B 44 32.00 -4.40 -6.38
N VAL B 45 30.75 -4.34 -6.83
CA VAL B 45 30.35 -4.74 -8.14
C VAL B 45 30.11 -3.48 -8.96
N SER B 46 29.28 -2.57 -8.43
CA SER B 46 28.81 -1.34 -9.13
C SER B 46 29.38 -0.09 -8.44
N LEU B 47 29.34 1.05 -9.15
CA LEU B 47 29.84 2.32 -8.63
C LEU B 47 28.82 3.43 -8.89
N VAL B 48 28.63 4.31 -7.90
CA VAL B 48 27.74 5.45 -8.08
C VAL B 48 28.52 6.75 -7.87
N GLN B 49 28.25 7.76 -8.69
CA GLN B 49 28.82 9.07 -8.55
C GLN B 49 27.68 10.09 -8.60
N LEU B 50 27.44 10.77 -7.47
CA LEU B 50 26.50 11.91 -7.45
C LEU B 50 27.31 13.22 -7.61
N THR B 51 26.77 14.16 -8.40
CA THR B 51 27.38 15.48 -8.61
C THR B 51 26.31 16.57 -8.68
N LEU B 52 26.18 17.38 -7.62
CA LEU B 52 25.22 18.49 -7.46
C LEU B 52 25.98 19.83 -7.42
N ARG B 53 25.90 20.62 -8.49
CA ARG B 53 26.71 21.83 -8.65
C ARG B 53 26.14 22.99 -7.79
N SER B 54 27.04 23.78 -7.19
CA SER B 54 26.64 24.88 -6.29
C SER B 54 25.64 25.82 -6.99
N GLU B 55 25.72 25.93 -8.31
CA GLU B 55 24.86 26.83 -9.10
C GLU B 55 23.39 26.54 -8.82
N GLY B 56 23.11 25.28 -8.47
CA GLY B 56 21.76 24.79 -8.37
C GLY B 56 21.11 25.10 -7.02
N PHE B 57 21.93 25.40 -6.01
CA PHE B 57 21.40 25.76 -4.71
C PHE B 57 21.02 27.24 -4.72
N ASP B 58 20.34 27.71 -3.67
CA ASP B 58 20.30 29.14 -3.31
C ASP B 58 21.53 29.40 -2.44
N THR B 59 21.38 29.79 -1.18
CA THR B 59 22.57 29.87 -0.35
C THR B 59 23.44 28.66 -0.70
N TYR B 60 24.63 28.92 -1.24
CA TYR B 60 25.73 27.99 -1.17
C TYR B 60 26.91 28.80 -0.66
N ARG B 61 27.54 28.28 0.39
CA ARG B 61 28.78 28.81 0.91
C ARG B 61 29.56 27.61 1.42
N CYS B 62 30.86 27.59 1.08
CA CYS B 62 31.82 26.59 1.53
C CYS B 62 33.20 27.27 1.71
N ASP B 63 33.73 27.24 2.93
CA ASP B 63 34.95 27.92 3.23
C ASP B 63 36.09 26.95 2.90
N ARG B 64 36.08 25.81 3.58
CA ARG B 64 37.10 24.81 3.34
C ARG B 64 36.43 23.63 2.65
N ASN B 65 37.25 22.73 2.10
CA ASN B 65 36.80 21.48 1.50
C ASN B 65 36.61 20.44 2.61
N LEU B 66 35.36 20.15 3.00
CA LEU B 66 35.02 19.12 3.99
C LEU B 66 34.74 17.81 3.27
N ALA B 67 34.99 16.69 3.96
CA ALA B 67 34.68 15.34 3.49
C ALA B 67 33.85 14.62 4.56
N MET B 68 32.52 14.80 4.51
CA MET B 68 31.63 14.35 5.55
C MET B 68 31.28 12.87 5.33
N GLY B 69 31.53 12.08 6.37
CA GLY B 69 31.17 10.67 6.38
C GLY B 69 29.77 10.51 6.90
N VAL B 70 28.84 10.17 6.00
CA VAL B 70 27.42 10.00 6.32
C VAL B 70 27.06 8.52 6.21
N ASN B 71 26.20 8.06 7.12
CA ASN B 71 25.51 6.78 6.96
C ASN B 71 24.19 7.05 6.24
N LEU B 72 24.06 6.55 5.02
CA LEU B 72 22.98 6.93 4.12
C LEU B 72 21.64 6.42 4.64
N THR B 73 21.65 5.23 5.27
CA THR B 73 20.42 4.71 5.85
C THR B 73 19.96 5.65 6.97
N SER B 74 20.90 6.09 7.81
CA SER B 74 20.62 7.09 8.82
C SER B 74 20.06 8.35 8.17
N MET B 75 20.77 8.91 7.19
CA MET B 75 20.40 10.22 6.64
C MET B 75 19.06 10.13 5.90
N SER B 76 18.66 8.92 5.49
CA SER B 76 17.41 8.75 4.74
C SER B 76 16.23 8.87 5.71
N LYS B 77 16.29 8.08 6.79
CA LYS B 77 15.31 8.10 7.87
C LYS B 77 15.09 9.54 8.37
N ILE B 78 16.16 10.34 8.43
CA ILE B 78 16.03 11.73 8.88
C ILE B 78 15.35 12.54 7.76
N LEU B 79 15.70 12.27 6.50
CA LEU B 79 15.15 13.03 5.38
C LEU B 79 13.69 12.66 5.10
N LYS B 80 13.30 11.44 5.48
CA LYS B 80 11.91 11.01 5.32
C LYS B 80 11.00 11.88 6.19
N CYS B 81 11.53 12.43 7.30
CA CYS B 81 10.79 13.39 8.10
C CYS B 81 10.41 14.61 7.26
N ALA B 82 11.30 15.08 6.38
CA ALA B 82 11.09 16.32 5.66
C ALA B 82 9.87 16.22 4.76
N GLY B 83 8.97 17.20 4.87
CA GLY B 83 7.89 17.40 3.88
C GLY B 83 8.46 17.54 2.49
N ASN B 84 7.71 17.11 1.47
CA ASN B 84 8.22 17.06 0.12
C ASN B 84 8.26 18.49 -0.46
N GLU B 85 7.37 19.34 0.06
CA GLU B 85 7.31 20.75 -0.34
C GLU B 85 8.13 21.62 0.62
N ASP B 86 9.06 21.02 1.36
CA ASP B 86 9.75 21.75 2.43
C ASP B 86 11.07 22.33 1.88
N ILE B 87 11.49 23.48 2.43
CA ILE B 87 12.74 24.15 2.02
C ILE B 87 13.90 23.61 2.87
N ILE B 88 14.70 22.71 2.29
CA ILE B 88 15.73 21.99 3.05
C ILE B 88 17.05 22.75 2.97
N THR B 89 17.80 22.73 4.08
CA THR B 89 19.08 23.42 4.22
C THR B 89 20.07 22.51 4.94
N LEU B 90 21.27 22.33 4.38
CA LEU B 90 22.36 21.63 5.05
C LEU B 90 23.29 22.67 5.66
N ARG B 91 23.66 22.50 6.93
CA ARG B 91 24.64 23.33 7.59
C ARG B 91 25.61 22.43 8.38
N ALA B 92 26.91 22.71 8.34
CA ALA B 92 27.93 21.90 9.07
C ALA B 92 29.15 22.79 9.39
N GLU B 93 29.71 22.67 10.61
CA GLU B 93 30.60 23.68 11.17
C GLU B 93 32.05 23.24 11.15
N ASP B 94 32.53 22.70 10.02
CA ASP B 94 33.97 22.43 9.77
C ASP B 94 34.50 21.45 10.83
N ASN B 95 34.82 21.98 12.02
CA ASN B 95 34.99 21.15 13.20
C ASN B 95 33.64 20.48 13.50
N ALA B 96 33.66 19.47 14.37
CA ALA B 96 32.48 18.72 14.82
C ALA B 96 32.21 17.56 13.84
N ASP B 97 31.68 16.49 14.43
CA ASP B 97 31.24 15.34 13.72
C ASP B 97 29.71 15.43 13.66
N THR B 98 29.19 16.30 12.79
CA THR B 98 27.78 16.62 12.81
C THR B 98 27.36 17.26 11.50
N LEU B 99 26.16 16.97 11.04
CA LEU B 99 25.62 17.63 9.84
C LEU B 99 24.16 17.99 10.12
N ALA B 100 23.81 19.24 9.93
CA ALA B 100 22.49 19.74 10.29
C ALA B 100 21.64 19.82 9.03
N LEU B 101 20.47 19.20 9.10
CA LEU B 101 19.43 19.31 8.10
C LEU B 101 18.25 20.06 8.71
N VAL B 102 17.95 21.24 8.17
CA VAL B 102 16.89 22.10 8.64
C VAL B 102 15.78 22.09 7.60
N PHE B 103 14.54 21.86 8.03
CA PHE B 103 13.39 21.80 7.11
C PHE B 103 12.35 22.86 7.51
N GLU B 104 12.15 23.86 6.64
CA GLU B 104 11.04 24.84 6.77
C GLU B 104 9.85 24.46 5.90
N ALA B 105 8.69 24.32 6.53
CA ALA B 105 7.43 24.08 5.83
C ALA B 105 6.94 25.39 5.22
N PRO B 106 5.92 25.30 4.33
CA PRO B 106 5.52 26.42 3.46
C PRO B 106 4.70 27.53 4.13
N ASN B 107 3.90 27.14 5.12
CA ASN B 107 3.15 28.08 5.96
C ASN B 107 4.11 29.03 6.66
N GLN B 108 5.39 28.63 6.71
CA GLN B 108 6.47 29.38 7.37
C GLN B 108 6.40 29.26 8.90
N GLU B 109 5.49 28.41 9.41
CA GLU B 109 5.11 28.33 10.85
C GLU B 109 5.68 27.09 11.55
N LYS B 110 6.05 26.04 10.81
CA LYS B 110 6.80 24.89 11.36
C LYS B 110 8.22 24.96 10.77
N VAL B 111 9.23 24.63 11.61
CA VAL B 111 10.62 24.43 11.19
C VAL B 111 11.27 23.31 11.99
N SER B 112 11.62 22.22 11.31
CA SER B 112 12.36 21.13 11.94
C SER B 112 13.87 21.38 11.76
N ASP B 113 14.70 20.91 12.70
CA ASP B 113 16.14 20.83 12.43
C ASP B 113 16.72 19.61 13.12
N TYR B 114 17.44 18.78 12.35
CA TYR B 114 18.02 17.52 12.84
C TYR B 114 19.55 17.57 12.75
N GLU B 115 20.20 17.03 13.78
CA GLU B 115 21.63 16.90 13.85
C GLU B 115 21.94 15.40 13.84
N MET B 116 22.70 14.96 12.82
CA MET B 116 23.11 13.58 12.66
C MET B 116 24.63 13.43 12.84
N LYS B 117 25.03 12.32 13.45
CA LYS B 117 26.43 12.10 13.82
C LYS B 117 27.22 11.58 12.60
N LEU B 118 28.31 12.26 12.25
CA LEU B 118 29.13 11.89 11.09
C LEU B 118 30.09 10.76 11.48
N MET B 119 30.67 10.14 10.45
CA MET B 119 31.57 9.04 10.59
C MET B 119 32.89 9.41 9.91
N ASP B 120 33.98 8.77 10.33
CA ASP B 120 35.27 8.86 9.65
C ASP B 120 35.35 7.70 8.66
N LEU B 121 35.64 8.01 7.39
CA LEU B 121 35.52 7.03 6.33
C LEU B 121 36.85 6.93 5.59
N ASP B 122 37.41 5.71 5.52
CA ASP B 122 38.51 5.42 4.62
C ASP B 122 37.96 5.31 3.19
N VAL B 123 37.95 6.44 2.48
CA VAL B 123 37.38 6.56 1.15
C VAL B 123 38.43 6.17 0.10
N GLU B 124 38.37 4.91 -0.37
CA GLU B 124 39.28 4.40 -1.42
C GLU B 124 38.96 5.13 -2.73
N GLN B 125 39.62 6.27 -2.91
CA GLN B 125 39.42 7.22 -4.03
C GLN B 125 39.67 6.53 -5.38
N LEU B 126 38.62 6.46 -6.24
CA LEU B 126 38.66 5.73 -7.52
C LEU B 126 38.56 6.72 -8.69
N GLY B 127 39.18 6.38 -9.84
CA GLY B 127 39.43 7.35 -10.93
C GLY B 127 38.82 6.93 -12.27
N ILE B 128 37.66 7.53 -12.59
CA ILE B 128 36.72 7.07 -13.64
C ILE B 128 37.09 7.71 -14.98
N PRO B 129 37.71 6.94 -15.90
CA PRO B 129 38.34 7.50 -17.09
C PRO B 129 37.40 8.17 -18.11
N GLU B 130 37.98 9.02 -18.96
CA GLU B 130 37.30 9.51 -20.15
C GLU B 130 37.14 8.35 -21.14
N GLN B 131 35.91 8.14 -21.63
CA GLN B 131 35.64 7.06 -22.56
C GLN B 131 34.73 7.60 -23.68
N GLU B 132 35.04 7.21 -24.94
CA GLU B 132 34.10 7.29 -26.06
C GLU B 132 33.24 6.01 -26.05
N TYR B 133 32.01 6.11 -26.57
CA TYR B 133 31.04 5.06 -26.32
C TYR B 133 30.43 4.59 -27.65
N SER B 134 30.62 3.29 -27.93
CA SER B 134 30.08 2.63 -29.10
C SER B 134 28.58 2.93 -29.23
N CYS B 135 27.81 2.79 -28.15
CA CYS B 135 26.37 3.12 -28.23
C CYS B 135 25.96 3.99 -27.04
N VAL B 136 24.90 4.77 -27.24
CA VAL B 136 24.34 5.68 -26.24
C VAL B 136 22.83 5.84 -26.50
N VAL B 137 22.01 5.09 -25.75
CA VAL B 137 20.54 5.23 -25.87
C VAL B 137 20.12 6.34 -24.90
N LYS B 138 19.18 7.19 -25.30
CA LYS B 138 18.44 8.07 -24.39
C LYS B 138 16.98 7.66 -24.50
N MET B 139 16.38 7.25 -23.39
CA MET B 139 15.03 6.77 -23.41
C MET B 139 14.31 7.23 -22.15
N PRO B 140 12.98 7.00 -22.04
CA PRO B 140 12.24 7.34 -20.83
C PRO B 140 12.66 6.45 -19.66
N SER B 141 12.96 7.11 -18.54
CA SER B 141 13.34 6.45 -17.31
C SER B 141 12.33 5.36 -16.97
N GLY B 142 11.04 5.68 -17.12
CA GLY B 142 9.97 4.76 -16.80
C GLY B 142 10.04 3.49 -17.65
N GLU B 143 10.14 3.68 -18.97
CA GLU B 143 10.20 2.59 -19.94
C GLU B 143 11.34 1.65 -19.51
N PHE B 144 12.53 2.22 -19.27
CA PHE B 144 13.67 1.42 -18.91
C PHE B 144 13.39 0.71 -17.59
N ALA B 145 12.70 1.42 -16.68
CA ALA B 145 12.39 0.86 -15.38
C ALA B 145 11.54 -0.40 -15.57
N ARG B 146 10.51 -0.29 -16.42
CA ARG B 146 9.53 -1.36 -16.66
C ARG B 146 10.21 -2.57 -17.31
N ILE B 147 11.09 -2.31 -18.28
CA ILE B 147 11.79 -3.38 -18.95
C ILE B 147 12.55 -4.23 -17.93
N CYS B 148 13.37 -3.57 -17.10
CA CYS B 148 14.16 -4.27 -16.10
C CYS B 148 13.29 -5.05 -15.10
N ARG B 149 12.07 -4.57 -14.81
CA ARG B 149 11.20 -5.23 -13.83
C ARG B 149 10.62 -6.51 -14.49
N ASP B 150 10.03 -6.30 -15.67
CA ASP B 150 9.42 -7.35 -16.45
C ASP B 150 10.43 -8.50 -16.68
N LEU B 151 11.59 -8.18 -17.26
CA LEU B 151 12.57 -9.21 -17.62
C LEU B 151 13.19 -9.83 -16.35
N SER B 152 13.15 -9.12 -15.22
CA SER B 152 13.63 -9.71 -13.98
C SER B 152 12.80 -10.96 -13.67
N HIS B 153 11.59 -11.04 -14.22
CA HIS B 153 10.76 -12.20 -14.03
C HIS B 153 11.14 -13.35 -14.97
N ILE B 154 11.86 -13.09 -16.07
CA ILE B 154 12.20 -14.18 -17.00
C ILE B 154 13.51 -14.82 -16.56
N GLY B 155 14.42 -14.00 -16.06
CA GLY B 155 15.78 -14.40 -15.83
C GLY B 155 16.51 -13.35 -15.02
N ASP B 156 17.81 -13.61 -14.81
CA ASP B 156 18.63 -12.84 -13.88
C ASP B 156 19.67 -11.97 -14.59
N ALA B 157 19.76 -12.06 -15.93
CA ALA B 157 20.64 -11.27 -16.76
C ALA B 157 19.85 -10.77 -17.96
N VAL B 158 20.21 -9.58 -18.47
CA VAL B 158 19.55 -9.04 -19.65
C VAL B 158 20.62 -8.77 -20.71
N VAL B 159 20.18 -8.92 -21.96
CA VAL B 159 21.04 -8.84 -23.12
C VAL B 159 20.61 -7.66 -23.99
N ILE B 160 21.38 -6.58 -23.88
CA ILE B 160 21.09 -5.31 -24.54
C ILE B 160 21.85 -5.33 -25.86
N SER B 161 21.09 -5.31 -26.95
CA SER B 161 21.59 -5.35 -28.29
C SER B 161 21.32 -3.97 -28.92
N CYS B 162 22.38 -3.18 -29.13
CA CYS B 162 22.25 -1.88 -29.75
C CYS B 162 22.41 -2.04 -31.28
N ALA B 163 21.47 -1.45 -32.04
CA ALA B 163 21.48 -1.55 -33.51
C ALA B 163 21.09 -0.21 -34.11
N LYS B 164 21.13 -0.13 -35.44
CA LYS B 164 20.97 1.12 -36.14
C LYS B 164 19.59 1.71 -35.82
N ASP B 165 18.55 0.87 -35.91
CA ASP B 165 17.13 1.27 -36.00
C ASP B 165 16.44 1.24 -34.63
N GLY B 166 17.02 0.53 -33.66
CA GLY B 166 16.47 0.46 -32.31
C GLY B 166 17.26 -0.47 -31.39
N VAL B 167 16.83 -0.53 -30.13
CA VAL B 167 17.53 -1.30 -29.11
C VAL B 167 16.62 -2.45 -28.69
N LYS B 168 17.25 -3.57 -28.31
CA LYS B 168 16.54 -4.74 -27.86
C LYS B 168 17.12 -5.21 -26.53
N PHE B 169 16.24 -5.69 -25.68
CA PHE B 169 16.59 -6.25 -24.40
C PHE B 169 16.01 -7.68 -24.31
N SER B 170 16.83 -8.67 -23.97
CA SER B 170 16.36 -10.05 -23.94
C SER B 170 16.86 -10.77 -22.68
N ALA B 171 16.09 -11.75 -22.24
CA ALA B 171 16.42 -12.51 -21.05
C ALA B 171 15.76 -13.88 -21.18
N SER B 172 16.30 -14.89 -20.48
CA SER B 172 15.77 -16.25 -20.58
C SER B 172 15.90 -16.96 -19.23
N GLY B 173 15.22 -18.11 -19.10
CA GLY B 173 15.26 -18.91 -17.89
C GLY B 173 14.19 -20.00 -17.86
N GLU B 174 14.02 -20.57 -16.66
CA GLU B 174 13.04 -21.60 -16.36
C GLU B 174 11.79 -21.40 -17.24
N LEU B 175 11.11 -20.25 -17.05
CA LEU B 175 9.77 -19.97 -17.58
C LEU B 175 9.82 -19.99 -19.12
N GLY B 176 10.81 -19.32 -19.72
CA GLY B 176 10.96 -19.32 -21.18
C GLY B 176 12.00 -18.33 -21.68
N ASN B 177 11.57 -17.44 -22.58
CA ASN B 177 12.40 -16.44 -23.27
C ASN B 177 11.59 -15.13 -23.31
N GLY B 178 12.26 -14.02 -23.67
CA GLY B 178 11.56 -12.74 -23.77
C GLY B 178 12.40 -11.67 -24.43
N ASN B 179 11.81 -11.04 -25.46
CA ASN B 179 12.44 -9.98 -26.23
C ASN B 179 11.55 -8.73 -26.24
N ILE B 180 12.16 -7.58 -25.94
CA ILE B 180 11.50 -6.27 -25.84
C ILE B 180 12.27 -5.30 -26.73
N LYS B 181 11.61 -4.85 -27.81
CA LYS B 181 12.23 -4.09 -28.93
C LYS B 181 11.74 -2.63 -28.93
N LEU B 182 12.63 -1.74 -28.48
CA LEU B 182 12.41 -0.30 -28.40
C LEU B 182 12.91 0.37 -29.70
N SER B 183 11.97 0.68 -30.60
CA SER B 183 12.27 1.36 -31.87
C SER B 183 12.62 2.82 -31.60
N GLN B 184 13.25 3.50 -32.56
CA GLN B 184 13.62 4.91 -32.36
C GLN B 184 12.39 5.80 -32.62
N THR B 185 12.25 6.87 -31.85
CA THR B 185 11.21 7.86 -32.05
C THR B 185 11.64 8.80 -33.19
N SER B 186 10.81 8.95 -34.23
CA SER B 186 11.13 9.81 -35.36
C SER B 186 10.83 11.26 -34.95
N ASN B 187 11.12 11.57 -33.68
CA ASN B 187 11.00 12.92 -33.12
C ASN B 187 9.52 13.32 -33.10
N VAL B 188 9.22 14.37 -32.31
CA VAL B 188 7.95 15.09 -32.32
C VAL B 188 6.78 14.14 -32.04
N ASP B 189 6.78 13.53 -30.85
CA ASP B 189 5.71 12.61 -30.44
C ASP B 189 5.68 12.53 -28.91
N LYS B 190 4.99 11.49 -28.40
CA LYS B 190 4.85 11.18 -26.98
C LYS B 190 5.03 12.47 -26.17
N GLU B 191 5.69 13.45 -26.79
CA GLU B 191 6.21 14.59 -26.08
C GLU B 191 7.33 14.08 -25.17
N GLU B 192 8.59 14.30 -25.58
CA GLU B 192 9.82 13.98 -24.84
C GLU B 192 9.94 12.46 -24.65
N GLU B 193 8.82 11.78 -24.39
CA GLU B 193 8.74 10.31 -24.20
C GLU B 193 9.28 9.58 -25.43
N ALA B 194 10.60 9.76 -25.67
CA ALA B 194 11.25 9.41 -26.95
C ALA B 194 12.43 8.47 -26.73
N VAL B 195 12.80 7.71 -27.77
CA VAL B 195 14.04 6.90 -27.76
C VAL B 195 14.97 7.39 -28.89
N THR B 196 16.19 7.82 -28.51
CA THR B 196 17.23 8.37 -29.42
C THR B 196 18.50 7.53 -29.31
N ILE B 197 19.18 7.28 -30.43
CA ILE B 197 20.37 6.43 -30.41
C ILE B 197 21.52 7.13 -31.13
N GLU B 198 22.71 6.99 -30.54
CA GLU B 198 23.96 7.39 -31.16
C GLU B 198 24.82 6.14 -31.29
N MET B 199 24.57 5.36 -32.35
CA MET B 199 25.27 4.13 -32.57
C MET B 199 26.45 4.34 -33.51
N ASN B 200 27.67 4.27 -32.98
CA ASN B 200 28.83 4.07 -33.82
C ASN B 200 28.91 2.57 -34.15
N GLU B 201 29.64 1.82 -33.32
CA GLU B 201 29.82 0.37 -33.49
C GLU B 201 28.63 -0.35 -32.87
N PRO B 202 28.06 -1.41 -33.49
CA PRO B 202 27.00 -2.16 -32.86
C PRO B 202 27.56 -2.86 -31.61
N VAL B 203 26.67 -3.16 -30.65
CA VAL B 203 27.03 -3.88 -29.42
C VAL B 203 25.94 -4.88 -29.05
N GLN B 204 26.37 -5.99 -28.45
CA GLN B 204 25.49 -6.89 -27.66
C GLN B 204 26.24 -7.23 -26.36
N LEU B 205 25.78 -6.60 -25.27
CA LEU B 205 26.37 -6.73 -23.93
C LEU B 205 25.39 -7.45 -22.99
N THR B 206 25.95 -8.14 -21.98
CA THR B 206 25.12 -8.82 -20.96
C THR B 206 25.39 -8.21 -19.56
N PHE B 207 24.28 -7.97 -18.83
CA PHE B 207 24.29 -7.35 -17.51
C PHE B 207 23.32 -8.09 -16.57
N ALA B 208 23.64 -8.12 -15.27
CA ALA B 208 22.78 -8.69 -14.23
C ALA B 208 21.61 -7.72 -13.90
N LEU B 209 20.41 -8.24 -13.87
CA LEU B 209 19.25 -7.41 -13.72
C LEU B 209 19.15 -6.98 -12.25
N ARG B 210 19.84 -7.67 -11.34
CA ARG B 210 19.77 -7.30 -9.92
C ARG B 210 20.15 -5.83 -9.77
N TYR B 211 21.33 -5.50 -10.29
CA TYR B 211 21.91 -4.19 -10.13
C TYR B 211 21.12 -3.16 -10.97
N LEU B 212 20.63 -3.55 -12.15
CA LEU B 212 19.93 -2.58 -12.97
C LEU B 212 18.72 -2.10 -12.19
N ASN B 213 18.08 -3.05 -11.51
CA ASN B 213 16.87 -2.81 -10.81
C ASN B 213 17.14 -1.92 -9.58
N PHE B 214 18.36 -1.99 -9.00
CA PHE B 214 18.76 -1.03 -7.98
C PHE B 214 18.87 0.36 -8.59
N PHE B 215 19.52 0.45 -9.75
CA PHE B 215 19.86 1.75 -10.31
C PHE B 215 18.60 2.55 -10.64
N THR B 216 17.51 1.80 -10.89
CA THR B 216 16.27 2.37 -11.39
C THR B 216 15.50 3.05 -10.25
N LYS B 217 15.94 2.82 -9.01
CA LYS B 217 15.38 3.48 -7.85
C LYS B 217 15.58 4.99 -7.97
N ALA B 218 16.48 5.40 -8.87
CA ALA B 218 16.73 6.82 -9.14
C ALA B 218 15.71 7.41 -10.14
N THR B 219 14.76 6.61 -10.60
CA THR B 219 13.93 7.00 -11.71
C THR B 219 13.19 8.30 -11.40
N PRO B 220 12.70 8.51 -10.16
CA PRO B 220 12.00 9.76 -9.85
C PRO B 220 12.75 11.05 -10.22
N LEU B 221 14.10 11.03 -10.27
CA LEU B 221 14.88 12.26 -10.46
C LEU B 221 14.74 12.80 -11.89
N SER B 222 14.41 11.94 -12.86
CA SER B 222 14.52 12.29 -14.26
C SER B 222 13.49 11.51 -15.09
N SER B 223 12.87 12.21 -16.05
CA SER B 223 11.96 11.57 -16.96
C SER B 223 12.76 10.85 -18.07
N THR B 224 14.07 11.08 -18.12
CA THR B 224 14.94 10.48 -19.15
C THR B 224 16.11 9.75 -18.46
N VAL B 225 16.46 8.57 -18.99
CA VAL B 225 17.70 7.90 -18.62
C VAL B 225 18.57 7.78 -19.88
N THR B 226 19.91 7.83 -19.71
CA THR B 226 20.87 7.66 -20.80
C THR B 226 21.78 6.46 -20.48
N LEU B 227 21.62 5.38 -21.25
CA LEU B 227 22.48 4.21 -21.19
C LEU B 227 23.63 4.40 -22.19
N SER B 228 24.88 4.05 -21.82
CA SER B 228 26.10 4.32 -22.67
C SER B 228 27.11 3.18 -22.53
N MET B 229 27.53 2.58 -23.66
CA MET B 229 28.06 1.20 -23.74
C MET B 229 29.20 1.08 -24.76
N SER B 230 30.11 0.12 -24.48
CA SER B 230 31.08 -0.46 -25.46
C SER B 230 31.54 -1.84 -24.97
N ALA B 231 32.04 -2.67 -25.89
CA ALA B 231 32.45 -4.00 -25.51
C ALA B 231 33.20 -3.93 -24.18
N ASP B 232 32.97 -4.93 -23.34
CA ASP B 232 33.70 -5.15 -22.09
C ASP B 232 34.31 -3.84 -21.58
N VAL B 233 33.42 -2.86 -21.41
CA VAL B 233 33.66 -1.63 -20.67
C VAL B 233 32.38 -1.28 -19.89
N PRO B 234 32.50 -0.93 -18.59
CA PRO B 234 31.34 -0.63 -17.76
C PRO B 234 30.30 0.29 -18.40
N LEU B 235 29.06 -0.24 -18.43
CA LEU B 235 27.83 0.50 -18.80
C LEU B 235 27.63 1.60 -17.77
N VAL B 236 27.08 2.71 -18.26
CA VAL B 236 26.91 3.91 -17.54
C VAL B 236 25.42 4.27 -17.66
N VAL B 237 24.70 4.16 -16.56
CA VAL B 237 23.36 4.57 -16.52
C VAL B 237 23.37 5.95 -15.89
N GLU B 238 22.74 6.95 -16.51
CA GLU B 238 22.81 8.31 -16.01
C GLU B 238 21.41 8.93 -15.90
N TYR B 239 21.08 9.38 -14.70
CA TYR B 239 19.92 10.20 -14.39
C TYR B 239 20.38 11.66 -14.14
N LYS B 240 19.95 12.61 -14.98
CA LYS B 240 20.33 14.04 -14.82
C LYS B 240 19.36 14.72 -13.83
N ILE B 241 19.93 15.51 -12.92
CA ILE B 241 19.16 16.15 -11.88
C ILE B 241 19.00 17.63 -12.20
N ALA B 242 17.77 17.94 -12.64
CA ALA B 242 17.27 19.24 -13.05
C ALA B 242 18.39 19.98 -13.80
N ASP B 243 18.80 21.13 -13.30
CA ASP B 243 19.79 21.98 -13.92
C ASP B 243 20.97 22.10 -12.96
N MET B 244 21.22 21.01 -12.22
CA MET B 244 21.86 21.09 -10.93
C MET B 244 23.01 20.09 -10.84
N GLY B 245 22.76 18.90 -11.39
CA GLY B 245 23.78 17.89 -11.45
C GLY B 245 23.34 16.65 -12.18
N HIS B 246 23.76 15.51 -11.63
CA HIS B 246 23.46 14.23 -12.20
C HIS B 246 23.80 13.13 -11.20
N LEU B 247 23.35 11.93 -11.55
CA LEU B 247 23.65 10.74 -10.83
C LEU B 247 24.02 9.67 -11.85
N LYS B 248 25.15 8.99 -11.63
CA LYS B 248 25.66 8.08 -12.59
C LYS B 248 25.93 6.73 -11.92
N TYR B 249 25.43 5.66 -12.52
CA TYR B 249 25.78 4.31 -12.11
C TYR B 249 26.70 3.66 -13.14
N TYR B 250 27.56 2.77 -12.64
CA TYR B 250 28.55 2.09 -13.43
C TYR B 250 28.46 0.61 -13.09
N LEU B 251 28.28 -0.23 -14.11
CA LEU B 251 28.22 -1.68 -13.89
C LEU B 251 29.04 -2.36 -14.98
N ALA B 252 29.91 -3.31 -14.59
CA ALA B 252 30.74 -4.04 -15.53
C ALA B 252 29.96 -5.18 -16.15
N PRO B 253 29.97 -5.36 -17.50
CA PRO B 253 29.14 -6.34 -18.17
C PRO B 253 29.75 -7.74 -18.02
N LYS B 254 29.17 -8.72 -18.73
CA LYS B 254 29.75 -10.06 -18.92
C LYS B 254 31.28 -9.97 -18.98
N HIS C 1 -36.72 -3.30 29.66
CA HIS C 1 -36.57 -4.04 28.37
C HIS C 1 -35.19 -3.73 27.73
N MET C 2 -35.05 -2.62 26.97
CA MET C 2 -34.09 -2.58 25.82
C MET C 2 -33.29 -1.26 25.68
N PHE C 3 -32.05 -1.39 25.20
CA PHE C 3 -31.19 -0.32 24.67
C PHE C 3 -31.10 -0.41 23.13
N GLU C 4 -31.31 0.72 22.45
CA GLU C 4 -31.15 0.86 20.97
C GLU C 4 -30.59 2.25 20.71
N ALA C 5 -29.58 2.34 19.86
CA ALA C 5 -28.92 3.62 19.52
C ALA C 5 -28.54 3.64 18.03
N ARG C 6 -29.26 4.47 17.27
CA ARG C 6 -29.18 4.54 15.84
C ARG C 6 -28.32 5.75 15.53
N LEU C 7 -27.16 5.49 14.90
CA LEU C 7 -26.19 6.46 14.43
C LEU C 7 -26.22 6.55 12.90
N VAL C 8 -26.78 7.66 12.35
CA VAL C 8 -26.80 7.91 10.89
C VAL C 8 -25.36 7.87 10.34
N GLN C 9 -24.45 8.73 10.86
CA GLN C 9 -22.98 8.73 10.51
C GLN C 9 -22.19 7.59 11.18
N GLY C 10 -22.30 6.39 10.61
CA GLY C 10 -21.74 5.15 11.17
C GLY C 10 -20.24 5.19 11.27
N SER C 11 -19.59 5.92 10.36
CA SER C 11 -18.09 5.96 10.32
C SER C 11 -17.49 6.46 11.65
N ILE C 12 -18.32 7.06 12.51
CA ILE C 12 -17.85 7.49 13.81
C ILE C 12 -17.56 6.26 14.67
N LEU C 13 -18.54 5.34 14.79
CA LEU C 13 -18.45 4.14 15.69
C LEU C 13 -17.22 3.36 15.25
N LYS C 14 -16.97 3.42 13.93
CA LYS C 14 -15.86 2.70 13.32
C LYS C 14 -14.53 3.37 13.71
N LYS C 15 -14.51 4.71 13.64
CA LYS C 15 -13.33 5.52 13.93
C LYS C 15 -12.96 5.43 15.41
N VAL C 16 -13.96 5.60 16.26
CA VAL C 16 -13.75 5.39 17.66
C VAL C 16 -13.03 4.07 17.92
N LEU C 17 -13.50 2.97 17.33
CA LEU C 17 -12.96 1.70 17.75
C LEU C 17 -11.56 1.42 17.19
N GLU C 18 -11.17 2.12 16.13
CA GLU C 18 -9.78 2.04 15.66
C GLU C 18 -8.90 2.75 16.68
N ALA C 19 -9.40 3.86 17.18
CA ALA C 19 -8.68 4.66 18.11
C ALA C 19 -8.39 3.88 19.41
N LEU C 20 -9.31 3.03 19.83
CA LEU C 20 -9.20 2.37 21.12
C LEU C 20 -8.47 1.02 21.02
N LYS C 21 -8.50 0.34 19.87
CA LYS C 21 -8.25 -1.11 19.87
C LYS C 21 -6.77 -1.40 20.03
N ASP C 22 -5.91 -0.42 19.72
CA ASP C 22 -4.44 -0.60 19.86
C ASP C 22 -4.02 -0.43 21.33
N LEU C 23 -4.95 0.08 22.15
CA LEU C 23 -4.69 0.48 23.49
C LEU C 23 -5.42 -0.48 24.43
N ILE C 24 -6.63 -0.89 24.10
CA ILE C 24 -7.46 -1.73 25.00
C ILE C 24 -7.92 -3.00 24.29
N ASN C 25 -7.73 -4.14 24.96
CA ASN C 25 -8.25 -5.43 24.53
C ASN C 25 -9.75 -5.52 24.87
N GLU C 26 -10.08 -5.38 26.16
CA GLU C 26 -11.41 -5.60 26.67
C GLU C 26 -11.82 -4.46 27.59
N ALA C 27 -13.05 -3.96 27.48
CA ALA C 27 -13.51 -2.91 28.37
C ALA C 27 -15.04 -2.92 28.55
N CYS C 28 -15.47 -2.27 29.63
CA CYS C 28 -16.88 -2.14 30.04
C CYS C 28 -17.45 -0.82 29.44
N TRP C 29 -18.42 -0.92 28.55
CA TRP C 29 -19.15 0.25 28.08
C TRP C 29 -20.22 0.54 29.12
N ASP C 30 -20.38 1.82 29.46
CA ASP C 30 -21.40 2.25 30.40
C ASP C 30 -22.50 3.00 29.64
N ILE C 31 -23.60 2.27 29.39
CA ILE C 31 -24.73 2.74 28.62
C ILE C 31 -25.81 3.19 29.61
N SER C 32 -26.43 4.32 29.29
CA SER C 32 -27.34 4.99 30.19
C SER C 32 -28.24 5.91 29.37
N SER C 33 -29.24 6.48 30.03
CA SER C 33 -30.06 7.50 29.43
C SER C 33 -29.16 8.58 28.79
N SER C 34 -28.12 8.98 29.51
CA SER C 34 -27.36 10.15 29.15
C SER C 34 -26.57 9.88 27.86
N GLY C 35 -26.19 8.61 27.65
CA GLY C 35 -25.43 8.15 26.48
C GLY C 35 -24.43 7.03 26.79
N VAL C 36 -23.47 6.88 25.90
CA VAL C 36 -22.48 5.85 25.98
C VAL C 36 -21.19 6.48 26.52
N ASN C 37 -20.64 5.86 27.56
CA ASN C 37 -19.39 6.24 28.11
C ASN C 37 -18.49 5.01 28.06
N LEU C 38 -17.17 5.21 27.90
CA LEU C 38 -16.20 4.16 28.19
C LEU C 38 -14.99 4.74 28.94
N GLN C 39 -14.46 4.01 29.93
CA GLN C 39 -13.29 4.49 30.64
C GLN C 39 -12.45 3.29 31.11
N SER C 40 -11.27 3.15 30.49
CA SER C 40 -10.42 2.03 30.66
C SER C 40 -8.97 2.51 30.75
N MET C 41 -8.16 1.72 31.42
CA MET C 41 -6.76 1.78 31.29
C MET C 41 -6.32 0.83 30.16
N ASP C 42 -5.09 1.00 29.68
CA ASP C 42 -4.49 0.19 28.63
C ASP C 42 -3.98 -1.10 29.26
N SER C 43 -3.74 -2.11 28.42
CA SER C 43 -3.17 -3.42 28.80
C SER C 43 -2.12 -3.26 29.91
N SER C 44 -1.23 -2.28 29.75
CA SER C 44 -0.05 -2.19 30.59
C SER C 44 -0.30 -1.28 31.78
N HIS C 45 -1.50 -0.72 31.91
CA HIS C 45 -1.88 0.14 33.02
C HIS C 45 -1.00 1.42 33.07
N VAL C 46 -0.75 1.99 31.89
CA VAL C 46 0.14 3.10 31.74
C VAL C 46 -0.70 4.35 31.57
N SER C 47 -1.58 4.29 30.56
CA SER C 47 -2.46 5.39 30.12
C SER C 47 -3.94 5.06 30.44
N LEU C 48 -4.79 6.08 30.35
CA LEU C 48 -6.23 5.98 30.57
C LEU C 48 -7.00 6.68 29.44
N VAL C 49 -8.08 6.04 28.97
CA VAL C 49 -8.88 6.62 27.90
C VAL C 49 -10.31 6.74 28.41
N GLN C 50 -10.96 7.86 28.09
CA GLN C 50 -12.30 8.16 28.47
C GLN C 50 -13.04 8.63 27.22
N LEU C 51 -13.93 7.76 26.70
CA LEU C 51 -14.79 8.07 25.57
C LEU C 51 -16.16 8.48 26.11
N THR C 52 -16.75 9.52 25.50
CA THR C 52 -18.03 10.04 25.89
C THR C 52 -18.82 10.44 24.64
N LEU C 53 -19.83 9.63 24.28
CA LEU C 53 -20.80 9.82 23.14
C LEU C 53 -22.19 10.14 23.72
N ARG C 54 -22.59 11.41 23.68
CA ARG C 54 -23.83 11.83 24.36
C ARG C 54 -25.06 11.45 23.53
N SER C 55 -26.13 11.02 24.21
CA SER C 55 -27.33 10.51 23.54
C SER C 55 -27.86 11.53 22.52
N GLU C 56 -27.64 12.82 22.76
CA GLU C 56 -28.20 13.87 21.87
C GLU C 56 -27.65 13.69 20.44
N GLY C 57 -26.51 13.02 20.33
CA GLY C 57 -25.79 12.90 19.08
C GLY C 57 -26.30 11.75 18.23
N PHE C 58 -27.02 10.81 18.83
CA PHE C 58 -27.63 9.71 18.09
C PHE C 58 -28.97 10.19 17.51
N ASP C 59 -29.57 9.37 16.65
CA ASP C 59 -30.85 9.64 16.01
C ASP C 59 -31.97 9.01 16.85
N THR C 60 -31.97 7.70 16.90
CA THR C 60 -32.71 6.98 17.89
C THR C 60 -31.75 6.77 19.05
N TYR C 61 -32.12 7.21 20.24
CA TYR C 61 -31.50 6.69 21.44
C TYR C 61 -32.64 6.32 22.38
N ARG C 62 -32.58 5.09 22.88
CA ARG C 62 -33.46 4.61 23.92
C ARG C 62 -32.62 3.74 24.85
N CYS C 63 -32.75 3.97 26.15
CA CYS C 63 -32.07 3.19 27.18
C CYS C 63 -33.03 3.01 28.38
N ASP C 64 -33.50 1.78 28.64
CA ASP C 64 -34.59 1.60 29.57
C ASP C 64 -34.01 1.54 31.00
N ARG C 65 -32.98 0.73 31.24
CA ARG C 65 -32.19 0.84 32.48
C ARG C 65 -30.72 1.04 32.10
N ASN C 66 -29.84 1.08 33.11
CA ASN C 66 -28.41 1.21 32.84
C ASN C 66 -27.87 -0.18 32.53
N LEU C 67 -27.29 -0.39 31.35
CA LEU C 67 -26.46 -1.59 31.03
C LEU C 67 -24.99 -1.21 31.23
N ALA C 68 -24.19 -2.21 31.62
CA ALA C 68 -22.73 -2.12 31.64
C ALA C 68 -22.16 -3.26 30.80
N MET C 69 -21.98 -3.04 29.49
CA MET C 69 -21.63 -4.13 28.58
C MET C 69 -20.13 -4.39 28.60
N GLY C 70 -19.78 -5.65 28.87
CA GLY C 70 -18.44 -6.15 28.69
C GLY C 70 -18.21 -6.60 27.26
N VAL C 71 -17.44 -5.79 26.53
CA VAL C 71 -17.10 -6.01 25.14
C VAL C 71 -15.60 -6.35 25.03
N ASN C 72 -15.29 -7.27 24.13
CA ASN C 72 -13.99 -7.55 23.63
C ASN C 72 -13.78 -6.63 22.41
N LEU C 73 -12.89 -5.63 22.54
CA LEU C 73 -12.79 -4.58 21.53
C LEU C 73 -12.13 -5.13 20.27
N THR C 74 -11.26 -6.14 20.41
CA THR C 74 -10.66 -6.81 19.24
C THR C 74 -11.80 -7.42 18.40
N SER C 75 -12.70 -8.15 19.08
CA SER C 75 -13.89 -8.69 18.46
C SER C 75 -14.71 -7.56 17.83
N MET C 76 -15.05 -6.53 18.61
CA MET C 76 -15.99 -5.50 18.16
C MET C 76 -15.42 -4.70 16.98
N SER C 77 -14.10 -4.71 16.85
CA SER C 77 -13.46 -3.93 15.80
C SER C 77 -13.63 -4.64 14.46
N LYS C 78 -13.20 -5.91 14.45
CA LYS C 78 -13.31 -6.79 13.31
C LYS C 78 -14.77 -6.82 12.80
N ILE C 79 -15.76 -6.75 13.71
CA ILE C 79 -17.16 -6.73 13.30
C ILE C 79 -17.47 -5.36 12.68
N LEU C 80 -16.95 -4.29 13.26
CA LEU C 80 -17.25 -2.94 12.75
C LEU C 80 -16.54 -2.68 11.41
N LYS C 81 -15.42 -3.34 11.18
CA LYS C 81 -14.70 -3.21 9.93
C LYS C 81 -15.59 -3.71 8.77
N CYS C 82 -16.48 -4.67 9.04
CA CYS C 82 -17.45 -5.12 8.05
C CYS C 82 -18.35 -3.96 7.60
N ALA C 83 -18.73 -3.08 8.53
CA ALA C 83 -19.69 -2.03 8.20
C ALA C 83 -19.11 -1.09 7.15
N GLY C 84 -19.86 -0.83 6.09
CA GLY C 84 -19.56 0.23 5.15
C GLY C 84 -19.48 1.56 5.87
N ASN C 85 -18.67 2.46 5.33
CA ASN C 85 -18.36 3.71 5.98
C ASN C 85 -19.54 4.67 5.84
N GLU C 86 -20.35 4.47 4.78
CA GLU C 86 -21.54 5.24 4.53
C GLU C 86 -22.79 4.54 5.12
N ASP C 87 -22.58 3.56 6.02
CA ASP C 87 -23.66 2.70 6.54
C ASP C 87 -24.28 3.33 7.80
N ILE C 88 -25.60 3.18 8.01
CA ILE C 88 -26.36 3.58 9.21
C ILE C 88 -26.25 2.48 10.27
N ILE C 89 -25.38 2.67 11.26
CA ILE C 89 -25.11 1.64 12.28
C ILE C 89 -26.02 1.83 13.48
N THR C 90 -26.46 0.72 14.06
CA THR C 90 -27.40 0.69 15.19
C THR C 90 -26.94 -0.35 16.20
N LEU C 91 -26.76 0.09 17.45
CA LEU C 91 -26.28 -0.77 18.55
C LEU C 91 -27.51 -1.09 19.41
N ARG C 92 -27.80 -2.37 19.64
CA ARG C 92 -29.10 -2.77 20.25
C ARG C 92 -28.81 -3.95 21.18
N ALA C 93 -29.40 -3.95 22.37
CA ALA C 93 -29.16 -5.01 23.40
C ALA C 93 -30.37 -5.13 24.35
N GLU C 94 -30.76 -6.35 24.73
CA GLU C 94 -31.87 -6.59 25.72
C GLU C 94 -31.23 -6.84 27.08
N ASP C 95 -31.97 -6.56 28.18
CA ASP C 95 -31.46 -6.80 29.54
C ASP C 95 -31.44 -8.30 29.79
N ASN C 96 -31.98 -9.06 28.83
CA ASN C 96 -32.26 -10.51 28.98
C ASN C 96 -31.56 -11.33 27.89
N ALA C 97 -30.48 -10.78 27.31
CA ALA C 97 -29.47 -11.59 26.59
C ALA C 97 -28.05 -11.10 26.94
N ASP C 98 -27.11 -11.97 26.61
CA ASP C 98 -25.69 -11.76 26.90
C ASP C 98 -24.95 -11.42 25.58
N THR C 99 -25.30 -10.28 25.02
CA THR C 99 -25.09 -10.09 23.60
C THR C 99 -25.30 -8.63 23.22
N LEU C 100 -24.58 -8.20 22.20
CA LEU C 100 -24.77 -6.90 21.65
C LEU C 100 -24.93 -6.99 20.13
N ALA C 101 -26.02 -6.42 19.62
CA ALA C 101 -26.36 -6.46 18.22
C ALA C 101 -25.89 -5.18 17.55
N LEU C 102 -25.13 -5.35 16.48
CA LEU C 102 -24.72 -4.28 15.61
C LEU C 102 -25.36 -4.51 14.25
N VAL C 103 -26.27 -3.62 13.85
CA VAL C 103 -27.01 -3.75 12.62
C VAL C 103 -26.51 -2.66 11.70
N PHE C 104 -26.17 -3.02 10.46
CA PHE C 104 -25.65 -2.08 9.48
C PHE C 104 -26.55 -2.01 8.24
N GLU C 105 -27.23 -0.86 8.05
CA GLU C 105 -28.01 -0.56 6.84
C GLU C 105 -27.14 0.26 5.88
N ALA C 106 -26.88 -0.29 4.71
CA ALA C 106 -26.10 0.39 3.75
C ALA C 106 -26.90 1.57 3.20
N PRO C 107 -26.18 2.57 2.62
CA PRO C 107 -26.81 3.72 1.99
C PRO C 107 -27.70 3.39 0.77
N ASN C 108 -27.46 2.24 0.12
CA ASN C 108 -28.25 1.90 -1.03
C ASN C 108 -29.65 1.40 -0.59
N GLN C 109 -29.79 1.02 0.69
CA GLN C 109 -31.12 0.83 1.31
C GLN C 109 -31.69 -0.58 1.05
N GLU C 110 -30.99 -1.41 0.23
CA GLU C 110 -31.43 -2.83 -0.11
C GLU C 110 -30.53 -3.87 0.60
N LYS C 111 -29.38 -3.46 1.18
CA LYS C 111 -28.49 -4.37 1.91
C LYS C 111 -28.57 -4.03 3.40
N VAL C 112 -28.61 -5.06 4.26
CA VAL C 112 -28.62 -4.92 5.71
C VAL C 112 -27.86 -6.06 6.40
N SER C 113 -26.74 -5.74 7.05
CA SER C 113 -26.02 -6.69 7.86
C SER C 113 -26.54 -6.62 9.30
N ASP C 114 -26.53 -7.73 10.03
CA ASP C 114 -26.63 -7.65 11.48
C ASP C 114 -25.77 -8.74 12.13
N TYR C 115 -24.92 -8.30 13.08
CA TYR C 115 -23.99 -9.17 13.81
C TYR C 115 -24.35 -9.20 15.31
N GLU C 116 -24.19 -10.38 15.89
CA GLU C 116 -24.43 -10.67 17.25
C GLU C 116 -23.09 -11.14 17.82
N MET C 117 -22.61 -10.40 18.83
CA MET C 117 -21.37 -10.63 19.54
C MET C 117 -21.70 -11.01 20.99
N LYS C 118 -20.92 -11.93 21.54
CA LYS C 118 -21.10 -12.37 22.94
C LYS C 118 -20.44 -11.37 23.89
N LEU C 119 -21.18 -10.88 24.89
CA LEU C 119 -20.64 -10.03 25.94
C LEU C 119 -19.86 -10.86 26.96
N MET C 120 -19.08 -10.15 27.78
CA MET C 120 -18.24 -10.76 28.76
C MET C 120 -18.45 -10.06 30.09
N ASP C 121 -17.99 -10.74 31.15
CA ASP C 121 -17.97 -10.33 32.55
C ASP C 121 -16.60 -9.64 32.84
N LEU C 122 -16.61 -8.32 33.13
CA LEU C 122 -15.37 -7.59 33.41
C LEU C 122 -15.38 -6.89 34.76
N ASP C 123 -14.68 -7.53 35.72
CA ASP C 123 -14.33 -6.87 36.98
C ASP C 123 -13.58 -5.56 36.67
N VAL C 124 -14.35 -4.47 36.52
CA VAL C 124 -13.80 -3.19 36.21
C VAL C 124 -13.35 -2.55 37.51
N GLU C 125 -13.07 -1.26 37.37
CA GLU C 125 -12.62 -0.38 38.39
C GLU C 125 -12.52 0.99 37.72
N GLN C 126 -13.31 1.94 38.20
CA GLN C 126 -13.52 3.24 37.55
C GLN C 126 -12.74 4.31 38.32
N LEU C 127 -11.78 4.95 37.63
CA LEU C 127 -10.86 5.92 38.28
C LEU C 127 -11.56 7.28 38.45
N GLY C 128 -11.19 7.98 39.52
CA GLY C 128 -11.66 9.30 39.82
C GLY C 128 -10.75 10.34 39.19
N ILE C 129 -11.36 11.25 38.41
CA ILE C 129 -10.65 12.23 37.64
C ILE C 129 -10.82 13.59 38.29
N PRO C 130 -9.74 14.14 38.87
CA PRO C 130 -9.77 15.43 39.56
C PRO C 130 -9.66 16.71 38.73
N GLU C 131 -10.27 17.75 39.25
CA GLU C 131 -10.33 19.02 38.62
C GLU C 131 -8.94 19.60 38.74
N GLN C 132 -8.49 20.23 37.66
CA GLN C 132 -7.14 20.43 37.45
C GLN C 132 -7.03 21.69 36.61
N GLU C 133 -6.23 22.66 37.09
CA GLU C 133 -5.74 23.79 36.30
C GLU C 133 -4.45 23.34 35.58
N TYR C 134 -4.21 23.98 34.43
CA TYR C 134 -3.21 23.48 33.53
C TYR C 134 -2.25 24.61 33.16
N SER C 135 -0.96 24.39 33.47
CA SER C 135 0.10 25.32 33.13
C SER C 135 0.02 25.65 31.64
N CYS C 136 -0.12 24.65 30.78
CA CYS C 136 -0.23 24.92 29.36
C CYS C 136 -1.38 24.13 28.73
N VAL C 137 -1.89 24.68 27.62
CA VAL C 137 -2.91 24.07 26.83
C VAL C 137 -2.68 24.43 25.37
N VAL C 138 -2.11 23.51 24.59
CA VAL C 138 -1.94 23.75 23.15
C VAL C 138 -3.20 23.25 22.45
N LYS C 139 -3.71 24.00 21.47
CA LYS C 139 -4.72 23.54 20.55
C LYS C 139 -4.11 23.62 19.15
N MET C 140 -4.00 22.49 18.48
CA MET C 140 -3.35 22.47 17.21
C MET C 140 -4.02 21.48 16.30
N PRO C 141 -3.64 21.44 15.01
CA PRO C 141 -4.18 20.45 14.07
C PRO C 141 -3.75 19.03 14.47
N SER C 142 -4.75 18.15 14.49
CA SER C 142 -4.59 16.75 14.74
C SER C 142 -3.48 16.20 13.85
N GLY C 143 -3.49 16.60 12.56
CA GLY C 143 -2.54 16.12 11.59
C GLY C 143 -1.12 16.47 11.97
N GLU C 144 -0.92 17.76 12.23
CA GLU C 144 0.39 18.33 12.60
C GLU C 144 0.93 17.48 13.76
N PHE C 145 0.12 17.33 14.80
CA PHE C 145 0.57 16.64 15.98
C PHE C 145 0.87 15.19 15.64
N ALA C 146 0.06 14.63 14.73
CA ALA C 146 0.23 13.25 14.32
C ALA C 146 1.61 13.09 13.71
N ARG C 147 1.94 14.01 12.80
CA ARG C 147 3.22 13.99 12.02
C ARG C 147 4.43 14.12 12.96
N ILE C 148 4.33 15.04 13.91
CA ILE C 148 5.39 15.27 14.83
C ILE C 148 5.70 13.97 15.59
N CYS C 149 4.69 13.36 16.20
CA CYS C 149 4.88 12.13 16.96
C CYS C 149 5.45 11.00 16.09
N ARG C 150 5.13 10.97 14.80
CA ARG C 150 5.59 9.89 13.91
C ARG C 150 7.07 10.11 13.61
N ASP C 151 7.37 11.31 13.16
CA ASP C 151 8.69 11.71 12.79
C ASP C 151 9.65 11.48 13.98
N LEU C 152 9.33 12.05 15.15
CA LEU C 152 10.23 11.96 16.30
C LEU C 152 10.33 10.51 16.81
N SER C 153 9.31 9.68 16.53
CA SER C 153 9.37 8.29 16.90
C SER C 153 10.57 7.64 16.21
N HIS C 154 11.02 8.23 15.10
CA HIS C 154 12.19 7.74 14.39
C HIS C 154 13.52 8.20 15.02
N ILE C 155 13.51 9.24 15.86
CA ILE C 155 14.73 9.72 16.48
C ILE C 155 14.98 8.94 17.76
N GLY C 156 13.89 8.63 18.46
CA GLY C 156 13.97 7.92 19.72
C GLY C 156 12.60 7.72 20.34
N ASP C 157 12.60 7.50 21.67
CA ASP C 157 11.55 6.86 22.37
C ASP C 157 10.82 7.77 23.35
N ALA C 158 11.28 9.02 23.51
CA ALA C 158 10.62 10.02 24.34
C ALA C 158 10.65 11.35 23.58
N VAL C 159 9.67 12.20 23.84
CA VAL C 159 9.65 13.51 23.25
C VAL C 159 9.53 14.53 24.38
N VAL C 160 10.14 15.69 24.16
CA VAL C 160 10.18 16.74 25.13
C VAL C 160 9.41 17.95 24.60
N ILE C 161 8.21 18.14 25.15
CA ILE C 161 7.33 19.25 24.79
C ILE C 161 7.67 20.41 25.74
N SER C 162 8.18 21.49 25.17
CA SER C 162 8.46 22.70 25.88
C SER C 162 7.41 23.75 25.46
N CYS C 163 6.49 24.10 26.36
CA CYS C 163 5.49 25.13 26.07
C CYS C 163 6.03 26.49 26.53
N ALA C 164 5.87 27.52 25.68
CA ALA C 164 6.20 28.91 25.99
C ALA C 164 5.08 29.82 25.48
N LYS C 165 5.20 31.13 25.72
CA LYS C 165 4.21 32.09 25.21
C LYS C 165 4.20 32.05 23.67
N ASP C 166 5.39 32.15 23.05
CA ASP C 166 5.60 32.30 21.60
C ASP C 166 5.04 31.11 20.79
N GLY C 167 5.32 29.90 21.27
CA GLY C 167 5.02 28.66 20.57
C GLY C 167 5.43 27.43 21.37
N VAL C 168 5.23 26.24 20.79
CA VAL C 168 5.57 24.99 21.44
C VAL C 168 6.73 24.36 20.65
N LYS C 169 7.56 23.60 21.36
CA LYS C 169 8.68 22.90 20.74
C LYS C 169 8.65 21.44 21.21
N PHE C 170 9.02 20.53 20.31
CA PHE C 170 9.07 19.14 20.55
C PHE C 170 10.44 18.60 20.17
N SER C 171 11.12 17.91 21.08
CA SER C 171 12.48 17.48 20.82
C SER C 171 12.68 16.03 21.29
N ALA C 172 13.56 15.33 20.61
CA ALA C 172 13.82 13.95 20.88
C ALA C 172 15.25 13.62 20.48
N SER C 173 15.84 12.57 21.04
CA SER C 173 17.21 12.20 20.72
C SER C 173 17.38 10.68 20.73
N GLY C 174 18.50 10.25 20.16
CA GLY C 174 18.91 8.86 20.15
C GLY C 174 20.05 8.56 19.18
N GLU C 175 20.22 7.28 18.86
CA GLU C 175 21.36 6.76 18.14
C GLU C 175 21.76 7.72 17.01
N LEU C 176 20.80 8.00 16.09
CA LEU C 176 21.05 8.78 14.84
C LEU C 176 21.54 10.21 15.18
N GLY C 177 20.86 10.89 16.12
CA GLY C 177 21.20 12.27 16.52
C GLY C 177 20.18 12.92 17.46
N ASN C 178 19.73 14.13 17.08
CA ASN C 178 18.81 14.99 17.84
C ASN C 178 17.85 15.62 16.84
N GLY C 179 16.69 16.09 17.32
CA GLY C 179 15.64 16.56 16.42
C GLY C 179 14.70 17.52 17.12
N ASN C 180 14.50 18.69 16.51
CA ASN C 180 13.71 19.75 17.07
C ASN C 180 12.69 20.21 16.02
N ILE C 181 11.43 20.35 16.47
CA ILE C 181 10.31 20.85 15.72
C ILE C 181 9.69 21.98 16.52
N LYS C 182 9.78 23.22 16.01
CA LYS C 182 9.22 24.44 16.69
C LYS C 182 7.93 24.93 15.99
N LEU C 183 6.78 24.70 16.64
CA LEU C 183 5.45 25.07 16.17
C LEU C 183 5.06 26.45 16.75
N SER C 184 5.26 27.54 16.00
CA SER C 184 4.92 28.90 16.46
C SER C 184 3.40 29.11 16.40
N GLN C 185 2.87 30.12 17.10
CA GLN C 185 1.42 30.31 17.22
C GLN C 185 0.87 30.99 15.96
N THR C 186 -0.34 30.63 15.56
CA THR C 186 -0.98 31.19 14.39
C THR C 186 -1.63 32.52 14.75
N SER C 187 -1.35 33.56 13.94
CA SER C 187 -2.22 34.74 13.81
C SER C 187 -3.46 34.36 12.98
N ASN C 188 -3.22 33.70 11.84
CA ASN C 188 -4.29 33.18 10.97
C ASN C 188 -3.69 32.50 9.72
N VAL C 189 -4.38 32.66 8.57
CA VAL C 189 -3.89 32.23 7.25
C VAL C 189 -5.09 31.91 6.33
N ASP C 190 -5.72 30.76 6.59
CA ASP C 190 -6.94 30.28 5.90
C ASP C 190 -8.17 30.68 6.73
N LYS C 191 -8.16 30.26 8.00
CA LYS C 191 -9.25 30.46 8.94
C LYS C 191 -9.22 29.28 9.92
N GLU C 192 -9.53 29.53 11.20
CA GLU C 192 -9.49 28.47 12.19
C GLU C 192 -9.55 27.13 11.44
N GLU C 193 -9.50 26.03 12.20
CA GLU C 193 -9.45 24.71 11.60
C GLU C 193 -7.98 24.26 11.52
N GLU C 194 -7.08 25.19 11.16
CA GLU C 194 -5.66 24.86 10.96
C GLU C 194 -4.76 25.89 11.67
N ALA C 195 -4.97 26.06 12.98
CA ALA C 195 -4.32 27.08 13.80
C ALA C 195 -3.57 26.44 14.97
N VAL C 196 -2.61 27.17 15.53
CA VAL C 196 -1.97 26.83 16.82
C VAL C 196 -2.28 27.95 17.83
N THR C 197 -2.91 27.55 18.95
CA THR C 197 -3.39 28.44 20.01
C THR C 197 -2.76 28.01 21.32
N ILE C 198 -2.29 28.97 22.13
CA ILE C 198 -1.71 28.62 23.41
C ILE C 198 -2.35 29.44 24.54
N GLU C 199 -2.66 28.71 25.63
CA GLU C 199 -3.12 29.22 26.93
C GLU C 199 -1.99 28.94 27.94
N MET C 200 -0.96 29.79 27.93
CA MET C 200 0.16 29.57 28.80
C MET C 200 -0.08 30.38 30.06
N ASN C 201 -0.04 29.70 31.20
CA ASN C 201 -0.08 30.32 32.52
C ASN C 201 1.35 30.36 33.07
N GLU C 202 2.01 29.21 33.09
CA GLU C 202 3.35 28.99 33.60
C GLU C 202 4.07 28.23 32.51
N PRO C 203 5.36 28.47 32.21
CA PRO C 203 6.04 27.67 31.21
C PRO C 203 6.17 26.24 31.74
N VAL C 204 6.24 25.27 30.82
CA VAL C 204 6.42 23.86 31.16
C VAL C 204 7.32 23.19 30.13
N GLN C 205 8.11 22.23 30.63
CA GLN C 205 8.97 21.40 29.84
C GLN C 205 8.88 19.97 30.39
N LEU C 206 8.07 19.14 29.69
CA LEU C 206 7.65 17.84 30.11
C LEU C 206 8.20 16.80 29.14
N THR C 207 8.44 15.59 29.65
CA THR C 207 8.89 14.46 28.83
C THR C 207 7.83 13.34 28.85
N PHE C 208 7.55 12.81 27.64
CA PHE C 208 6.53 11.80 27.38
C PHE C 208 7.09 10.71 26.45
N ALA C 209 6.59 9.49 26.65
CA ALA C 209 6.94 8.31 25.85
C ALA C 209 6.23 8.38 24.49
N LEU C 210 6.98 8.16 23.40
CA LEU C 210 6.39 8.37 22.12
C LEU C 210 5.51 7.16 21.76
N ARG C 211 5.77 6.03 22.40
CA ARG C 211 4.92 4.82 22.19
C ARG C 211 3.44 5.18 22.34
N TYR C 212 3.10 5.72 23.52
CA TYR C 212 1.74 5.98 23.87
C TYR C 212 1.16 7.15 23.05
N LEU C 213 1.96 8.16 22.76
CA LEU C 213 1.41 9.30 22.04
C LEU C 213 0.97 8.79 20.68
N ASN C 214 1.78 7.89 20.12
CA ASN C 214 1.56 7.39 18.81
C ASN C 214 0.30 6.50 18.78
N PHE C 215 -0.03 5.83 19.89
CA PHE C 215 -1.31 5.16 20.03
C PHE C 215 -2.43 6.19 20.00
N PHE C 216 -2.28 7.25 20.79
CA PHE C 216 -3.37 8.19 20.99
C PHE C 216 -3.76 8.87 19.67
N THR C 217 -2.80 8.95 18.73
CA THR C 217 -2.95 9.71 17.50
C THR C 217 -3.77 8.91 16.50
N LYS C 218 -3.99 7.62 16.78
CA LYS C 218 -4.81 6.73 15.95
C LYS C 218 -6.24 7.29 16.00
N ALA C 219 -6.54 8.19 16.95
CA ALA C 219 -7.84 8.86 17.02
C ALA C 219 -7.95 10.07 16.07
N THR C 220 -6.90 10.33 15.28
CA THR C 220 -6.83 11.60 14.56
C THR C 220 -8.00 11.76 13.61
N PRO C 221 -8.47 10.69 12.95
CA PRO C 221 -9.60 10.84 12.04
C PRO C 221 -10.87 11.46 12.64
N LEU C 222 -11.07 11.39 13.97
CA LEU C 222 -12.30 11.91 14.59
C LEU C 222 -12.36 13.45 14.58
N SER C 223 -11.21 14.14 14.47
CA SER C 223 -11.17 15.61 14.67
C SER C 223 -10.04 16.24 13.85
N SER C 224 -10.29 17.42 13.32
CA SER C 224 -9.27 18.17 12.63
C SER C 224 -8.38 18.93 13.64
N THR C 225 -8.77 18.91 14.91
CA THR C 225 -8.06 19.60 15.99
C THR C 225 -7.77 18.62 17.14
N VAL C 226 -6.60 18.77 17.77
CA VAL C 226 -6.28 18.11 19.04
C VAL C 226 -5.95 19.19 20.07
N THR C 227 -6.12 18.87 21.36
CA THR C 227 -5.80 19.75 22.47
C THR C 227 -4.90 18.99 23.43
N LEU C 228 -3.63 19.42 23.59
CA LEU C 228 -2.73 18.89 24.61
C LEU C 228 -2.84 19.80 25.84
N SER C 229 -2.83 19.21 27.04
CA SER C 229 -3.00 20.01 28.30
C SER C 229 -2.10 19.48 29.41
N MET C 230 -1.27 20.37 30.00
CA MET C 230 0.00 20.01 30.66
C MET C 230 0.25 20.82 31.94
N SER C 231 0.85 20.15 32.92
CA SER C 231 1.42 20.75 34.15
C SER C 231 2.54 19.85 34.69
N ALA C 232 3.56 20.47 35.29
CA ALA C 232 4.46 19.79 36.15
C ALA C 232 3.74 18.58 36.79
N ASP C 233 4.29 17.39 36.55
CA ASP C 233 4.08 16.13 37.30
C ASP C 233 2.59 15.89 37.53
N VAL C 234 1.88 15.97 36.40
CA VAL C 234 0.46 15.77 36.31
C VAL C 234 0.16 15.22 34.92
N PRO C 235 -0.59 14.09 34.83
CA PRO C 235 -0.91 13.46 33.55
C PRO C 235 -1.41 14.46 32.49
N LEU C 236 -0.71 14.40 31.34
CA LEU C 236 -1.04 15.06 30.11
C LEU C 236 -2.36 14.48 29.62
N VAL C 237 -3.12 15.35 28.97
CA VAL C 237 -4.43 15.09 28.48
C VAL C 237 -4.44 15.37 26.99
N VAL C 238 -4.42 14.35 26.15
CA VAL C 238 -4.63 14.59 24.75
C VAL C 238 -6.13 14.37 24.48
N GLU C 239 -6.76 15.31 23.77
CA GLU C 239 -8.23 15.29 23.66
C GLU C 239 -8.64 15.54 22.21
N TYR C 240 -9.35 14.55 21.65
CA TYR C 240 -10.03 14.65 20.36
C TYR C 240 -11.55 14.80 20.56
N LYS C 241 -12.13 15.91 20.10
CA LYS C 241 -13.59 16.13 20.22
C LYS C 241 -14.32 15.44 19.05
N ILE C 242 -15.45 14.79 19.36
CA ILE C 242 -16.27 14.10 18.39
C ILE C 242 -17.54 14.91 18.12
N ALA C 243 -17.52 15.67 17.03
CA ALA C 243 -18.62 16.45 16.44
C ALA C 243 -19.86 16.60 17.32
N ASP C 244 -19.90 17.57 18.26
CA ASP C 244 -21.07 17.94 19.07
C ASP C 244 -21.85 16.70 19.54
N MET C 245 -21.10 15.62 19.77
CA MET C 245 -21.60 14.31 20.19
C MET C 245 -20.90 13.87 21.47
N GLY C 246 -19.62 14.18 21.53
CA GLY C 246 -18.82 13.96 22.73
C GLY C 246 -17.34 14.21 22.48
N HIS C 247 -16.50 13.28 22.92
CA HIS C 247 -15.09 13.44 22.90
C HIS C 247 -14.40 12.13 23.21
N LEU C 248 -13.07 12.15 23.07
CA LEU C 248 -12.21 11.09 23.43
C LEU C 248 -10.98 11.71 24.09
N LYS C 249 -10.63 11.25 25.27
CA LYS C 249 -9.61 11.88 26.06
C LYS C 249 -8.62 10.82 26.51
N TYR C 250 -7.34 11.03 26.23
CA TYR C 250 -6.29 10.16 26.70
C TYR C 250 -5.51 10.85 27.84
N TYR C 251 -5.01 10.04 28.74
CA TYR C 251 -4.27 10.47 29.90
C TYR C 251 -2.96 9.68 29.99
N LEU C 252 -1.83 10.40 30.00
CA LEU C 252 -0.52 9.79 30.06
C LEU C 252 0.33 10.53 31.08
N ALA C 253 1.04 9.81 31.97
CA ALA C 253 1.87 10.46 32.99
C ALA C 253 3.23 10.81 32.37
N PRO C 254 3.75 12.03 32.66
CA PRO C 254 5.03 12.47 32.12
C PRO C 254 6.17 11.80 32.91
N LYS C 255 7.42 12.13 32.55
CA LYS C 255 8.61 11.70 33.27
C LYS C 255 8.67 12.48 34.58
N ILE C 256 9.12 11.81 35.66
CA ILE C 256 9.29 12.39 36.97
C ILE C 256 10.52 11.79 37.61
N PRO D 1 5.36 4.28 7.58
CA PRO D 1 6.55 4.33 8.44
C PRO D 1 6.26 4.97 9.80
N VAL D 2 6.15 4.14 10.83
CA VAL D 2 6.06 4.61 12.21
C VAL D 2 6.84 3.63 13.10
N CYS D 3 7.69 4.16 13.98
CA CYS D 3 8.52 3.33 14.83
C CYS D 3 7.73 3.05 16.13
N VAL D 4 7.49 1.77 16.43
CA VAL D 4 6.86 1.43 17.74
C VAL D 4 7.99 1.20 18.73
N ARG D 5 8.24 2.23 19.54
CA ARG D 5 9.42 2.27 20.40
C ARG D 5 9.01 1.67 21.76
N PRO D 6 9.86 0.89 22.43
CA PRO D 6 9.46 0.25 23.68
C PRO D 6 8.96 1.28 24.70
N THR D 7 8.46 0.80 25.85
CA THR D 7 7.88 1.64 26.91
C THR D 7 8.98 2.03 27.90
N PRO D 8 9.34 3.33 27.96
CA PRO D 8 10.39 3.80 28.86
C PRO D 8 10.36 3.21 30.27
N LYS D 9 11.54 2.90 30.83
CA LYS D 9 11.69 2.43 32.20
C LYS D 9 11.06 3.49 33.12
N TRP D 10 11.29 4.76 32.82
CA TRP D 10 10.89 5.85 33.73
C TRP D 10 9.38 6.12 33.70
N GLN D 11 8.61 5.31 32.96
CA GLN D 11 7.14 5.47 32.89
C GLN D 11 6.50 5.12 34.25
N LYS D 12 5.69 6.07 34.71
CA LYS D 12 4.75 5.87 35.82
C LYS D 12 3.40 5.50 35.20
N GLY D 13 2.63 4.70 35.94
CA GLY D 13 1.26 4.39 35.58
C GLY D 13 0.32 5.45 36.12
N ILE D 14 -0.86 5.52 35.50
CA ILE D 14 -1.83 6.52 35.80
C ILE D 14 -2.52 6.16 37.12
N GLY D 15 -2.28 4.92 37.55
CA GLY D 15 -2.71 4.44 38.82
C GLY D 15 -2.22 5.29 39.99
N GLU D 16 -1.01 5.84 39.88
CA GLU D 16 -0.42 6.54 41.00
C GLU D 16 -0.93 7.99 41.05
N PHE D 17 -1.80 8.37 40.12
CA PHE D 17 -2.26 9.73 40.03
C PHE D 17 -3.76 9.81 40.30
N PHE D 18 -4.52 8.83 39.76
CA PHE D 18 -5.98 8.72 39.92
C PHE D 18 -6.34 7.46 40.72
N ARG D 19 -7.46 7.47 41.44
CA ARG D 19 -7.88 6.26 42.18
C ARG D 19 -9.43 6.17 42.21
N LEU D 20 -9.96 5.02 42.67
CA LEU D 20 -11.44 4.75 42.88
C LEU D 20 -12.05 5.78 43.85
N VAL E 2 8.90 -7.56 -9.16
CA VAL E 2 10.26 -7.97 -9.61
C VAL E 2 10.64 -9.28 -8.88
N CYS E 3 11.26 -10.21 -9.61
CA CYS E 3 11.67 -11.49 -9.02
C CYS E 3 13.09 -11.33 -8.47
N VAL E 4 13.23 -11.61 -7.17
CA VAL E 4 14.50 -11.66 -6.41
C VAL E 4 15.60 -12.31 -7.26
N ARG E 5 16.65 -11.53 -7.57
CA ARG E 5 17.73 -11.97 -8.44
C ARG E 5 18.95 -12.35 -7.60
N PRO E 6 19.84 -13.23 -8.11
CA PRO E 6 21.20 -13.37 -7.60
C PRO E 6 22.24 -12.73 -8.54
N THR E 7 23.49 -12.64 -8.07
CA THR E 7 24.58 -12.05 -8.88
C THR E 7 25.36 -13.18 -9.51
N PRO E 8 25.29 -13.33 -10.86
CA PRO E 8 26.04 -14.36 -11.57
C PRO E 8 27.49 -14.55 -11.09
N LYS E 9 27.95 -15.80 -11.05
CA LYS E 9 29.34 -16.12 -10.66
C LYS E 9 30.28 -15.36 -11.59
N TRP E 10 29.93 -15.26 -12.88
CA TRP E 10 30.85 -14.71 -13.87
C TRP E 10 31.00 -13.17 -13.77
N GLN E 11 30.42 -12.55 -12.74
CA GLN E 11 30.57 -11.10 -12.53
C GLN E 11 32.01 -10.76 -12.18
N LYS E 12 32.54 -9.75 -12.88
CA LYS E 12 33.80 -9.10 -12.55
C LYS E 12 33.52 -7.92 -11.59
N GLY E 13 34.52 -7.60 -10.78
CA GLY E 13 34.51 -6.40 -9.91
C GLY E 13 34.89 -5.15 -10.67
N ILE E 14 34.48 -4.00 -10.16
CA ILE E 14 34.68 -2.75 -10.88
C ILE E 14 36.13 -2.31 -10.69
N GLY E 15 36.78 -3.00 -9.75
CA GLY E 15 38.19 -2.85 -9.46
C GLY E 15 39.06 -3.14 -10.68
N GLU E 16 38.62 -4.05 -11.55
CA GLU E 16 39.42 -4.50 -12.69
C GLU E 16 39.29 -3.50 -13.85
N PHE E 17 38.48 -2.45 -13.65
CA PHE E 17 38.24 -1.51 -14.72
C PHE E 17 38.76 -0.13 -14.33
N PHE E 18 38.51 0.25 -13.07
CA PHE E 18 38.90 1.54 -12.54
C PHE E 18 39.93 1.36 -11.41
N ARG E 19 40.61 2.46 -11.06
CA ARG E 19 41.49 2.56 -9.90
C ARG E 19 41.68 4.05 -9.57
N LEU E 20 42.60 4.35 -8.66
CA LEU E 20 42.97 5.72 -8.28
C LEU E 20 43.69 6.40 -9.44
#